data_8QLM
#
_entry.id   8QLM
#
_cell.length_a   64.204
_cell.length_b   108.837
_cell.length_c   86.643
_cell.angle_alpha   90.000
_cell.angle_beta   100.050
_cell.angle_gamma   90.000
#
_symmetry.space_group_name_H-M   'P 1 21 1'
#
loop_
_entity.id
_entity.type
_entity.pdbx_description
1 polymer 'Oligopeptide-binding protein AliB'
2 polymer PRO-ILE-VAL-GLY-GLY-HIS-GLU-GLY-ALA-GLY-VAL
3 water water
#
loop_
_entity_poly.entity_id
_entity_poly.type
_entity_poly.pdbx_seq_one_letter_code
_entity_poly.pdbx_strand_id
1 'polypeptide(L)'
;NSSTASKTYNYVYSSDPSSLNYLAENRAATSDIVANLVDGLLENDQYGNIIPSLAEDWTVSQDGLTYTYKLRKDAKWFTS
EGEEYAPVTAQDFVTGLQYAADKKSEALYLVQDSVAGLDDYITGKTSDFSTVGVKALDDQTVQYTLVKPELYWNSKTLAT
ILFPVNADFLKSKGDDFGKADPSSILYNGPFLMKALVSKSAIEYKKNPNYWDAKNVFVDDVKLTYYDGSDQESLERNFTA
GAYTTARLFPNSSSYEGIKEKYKNNIIYSMQNSTSYFFNFNLDRKSYNYTSKTSDIEKKSTQEAVLNKNFRQAINFAFDR
TSYGAQSEGKEGATKILRNLVVPPNFVSIKGKDFGEVVASKMVNYGKEWQGINFADGQDPYYNPEKAKAKFAEAKKELEA
KGVQFPIHLDKTVEVTDKVGIQGVSSIKQSIESVLGSDNVVIDIQQLTSDEFDSSGYFAQTAAQKDYDLYHGGWGPDYQD
PSTYLDIFNTNSGGFLQNLGLEPGEANDKAKAVGLDVYTQMLEEANKEQDPAKRYEKYADIQAWLIDSSLVLPSVSRGGT
PSLRRTVPFAAAYGLTGTKGVESYKYLKVQDKIVTTDEYAKAREKWLKEKEESNKKAQEELAKHVK
;
A,B
2 'polypeptide(L)' PIVGGHEGAGV C,D
#
# COMPACT_ATOMS: atom_id res chain seq x y z
N SER A 6 19.73 -16.49 36.93
CA SER A 6 19.36 -15.17 36.39
C SER A 6 19.22 -15.28 34.87
N LYS A 7 18.55 -14.31 34.24
CA LYS A 7 18.41 -14.30 32.79
C LYS A 7 19.01 -13.04 32.20
N THR A 8 19.48 -13.17 30.96
CA THR A 8 20.35 -12.17 30.34
C THR A 8 19.90 -11.87 28.92
N TYR A 9 19.93 -10.59 28.54
CA TYR A 9 19.74 -10.18 27.17
C TYR A 9 21.09 -9.72 26.65
N ASN A 10 21.53 -10.28 25.52
CA ASN A 10 22.82 -9.94 24.91
C ASN A 10 22.60 -9.54 23.45
N TYR A 11 23.05 -8.35 23.09
CA TYR A 11 23.03 -7.98 21.68
C TYR A 11 24.13 -6.96 21.43
N VAL A 12 23.86 -5.95 20.60
CA VAL A 12 24.88 -5.00 20.15
C VAL A 12 24.35 -3.58 20.22
N TYR A 13 25.27 -2.63 20.09
CA TYR A 13 24.92 -1.22 19.95
C TYR A 13 25.92 -0.62 18.99
N SER A 14 25.58 0.54 18.44
CA SER A 14 26.45 1.19 17.46
CA SER A 14 26.43 1.19 17.45
C SER A 14 26.79 2.63 17.83
N SER A 15 25.95 3.29 18.61
CA SER A 15 26.16 4.71 18.91
C SER A 15 26.59 4.88 20.37
N ASP A 16 27.84 5.31 20.55
CA ASP A 16 28.29 5.81 21.84
C ASP A 16 27.66 7.16 22.13
N PRO A 17 27.19 7.39 23.35
CA PRO A 17 26.64 8.70 23.71
C PRO A 17 27.73 9.75 23.82
N SER A 18 27.39 10.99 23.46
CA SER A 18 28.29 12.09 23.77
C SER A 18 28.26 12.45 25.25
N SER A 19 27.14 12.16 25.94
CA SER A 19 27.02 12.41 27.37
C SER A 19 25.80 11.64 27.84
N LEU A 20 25.61 11.62 29.17
CA LEU A 20 24.40 11.07 29.76
C LEU A 20 23.46 12.18 30.21
N ASN A 21 23.62 13.39 29.67
CA ASN A 21 22.87 14.52 30.17
C ASN A 21 21.48 14.51 29.53
N TYR A 22 20.57 13.79 30.18
CA TYR A 22 19.22 13.66 29.67
C TYR A 22 18.43 14.97 29.71
N LEU A 23 18.89 15.98 30.47
CA LEU A 23 18.18 17.25 30.52
C LEU A 23 18.65 18.20 29.43
N ALA A 24 19.85 17.98 28.87
CA ALA A 24 20.41 18.90 27.90
C ALA A 24 20.47 18.36 26.46
N GLU A 25 20.44 17.04 26.26
CA GLU A 25 20.64 16.47 24.93
C GLU A 25 19.31 16.21 24.26
N ASN A 26 19.29 16.36 22.92
CA ASN A 26 18.16 15.84 22.14
C ASN A 26 18.56 14.71 21.20
N ARG A 27 19.76 14.13 21.35
CA ARG A 27 20.18 12.99 20.54
C ARG A 27 19.72 11.69 21.18
N ALA A 28 19.21 10.76 20.34
CA ALA A 28 18.79 9.46 20.84
C ALA A 28 19.96 8.66 21.36
N ALA A 29 21.20 9.02 20.98
CA ALA A 29 22.36 8.34 21.52
C ALA A 29 22.40 8.45 23.04
N THR A 30 21.82 9.53 23.58
CA THR A 30 21.73 9.68 25.03
C THR A 30 20.43 9.07 25.58
N SER A 31 19.27 9.40 24.98
CA SER A 31 18.03 8.99 25.62
C SER A 31 17.80 7.49 25.48
N ASP A 32 18.36 6.85 24.44
CA ASP A 32 18.24 5.38 24.34
C ASP A 32 18.87 4.68 25.54
N ILE A 33 19.89 5.29 26.12
CA ILE A 33 20.51 4.76 27.32
C ILE A 33 19.72 5.16 28.55
N VAL A 34 19.46 6.45 28.71
CA VAL A 34 18.89 6.93 29.97
C VAL A 34 17.47 6.39 30.19
N ALA A 35 16.76 6.08 29.11
CA ALA A 35 15.48 5.38 29.21
C ALA A 35 15.51 4.23 30.20
N ASN A 36 16.64 3.53 30.30
CA ASN A 36 16.78 2.37 31.20
C ASN A 36 17.20 2.73 32.61
N LEU A 37 17.58 3.99 32.83
CA LEU A 37 18.23 4.42 34.07
C LEU A 37 17.44 5.42 34.86
N VAL A 38 16.57 6.19 34.23
CA VAL A 38 15.85 7.29 34.87
C VAL A 38 14.42 7.20 34.39
N ASP A 39 13.47 7.22 35.33
CA ASP A 39 12.05 7.31 35.04
C ASP A 39 11.55 8.75 35.17
N GLY A 40 10.50 9.06 34.41
CA GLY A 40 9.74 10.28 34.59
C GLY A 40 8.38 10.00 35.19
N LEU A 41 7.44 10.92 34.92
CA LEU A 41 6.13 10.85 35.59
C LEU A 41 5.31 9.67 35.11
N LEU A 42 5.33 9.43 33.80
CA LEU A 42 4.49 8.41 33.17
C LEU A 42 5.33 7.52 32.26
N GLU A 43 4.80 6.35 31.89
CA GLU A 43 5.54 5.47 30.96
C GLU A 43 4.53 4.77 30.07
N ASN A 44 4.97 3.74 29.34
CA ASN A 44 4.12 2.95 28.45
C ASN A 44 3.89 1.53 28.97
N ASP A 45 2.72 0.99 28.66
CA ASP A 45 2.56 -0.45 28.76
C ASP A 45 2.87 -1.11 27.40
N GLN A 46 2.57 -2.40 27.27
CA GLN A 46 2.84 -3.12 26.02
C GLN A 46 2.00 -2.63 24.84
N TYR A 47 0.97 -1.82 25.09
CA TYR A 47 0.01 -1.46 24.06
C TYR A 47 0.09 0.00 23.62
N GLY A 48 1.05 0.75 24.14
CA GLY A 48 1.15 2.16 23.82
C GLY A 48 0.30 3.08 24.66
N ASN A 49 -0.42 2.55 25.65
CA ASN A 49 -1.08 3.42 26.61
C ASN A 49 -0.05 4.13 27.46
N ILE A 50 -0.41 5.33 27.91
CA ILE A 50 0.37 6.10 28.87
C ILE A 50 -0.10 5.71 30.26
N ILE A 51 0.81 5.23 31.09
CA ILE A 51 0.45 4.59 32.36
C ILE A 51 1.32 5.19 33.48
N PRO A 52 0.96 4.96 34.75
CA PRO A 52 1.78 5.51 35.85
C PRO A 52 3.22 5.03 35.82
N SER A 53 4.12 5.97 36.07
CA SER A 53 5.52 5.66 36.35
C SER A 53 5.85 6.19 37.75
N LEU A 54 6.69 7.23 37.86
CA LEU A 54 6.88 7.82 39.19
C LEU A 54 5.58 8.39 39.73
N ALA A 55 4.73 8.92 38.84
CA ALA A 55 3.42 9.42 39.26
C ALA A 55 2.42 8.28 39.35
N GLU A 56 1.84 8.07 40.54
CA GLU A 56 0.86 7.00 40.69
C GLU A 56 -0.53 7.47 40.26
N ASP A 57 -0.74 8.77 40.13
CA ASP A 57 -2.03 9.33 39.76
C ASP A 57 -1.76 10.76 39.30
N TRP A 58 -2.75 11.32 38.59
CA TRP A 58 -2.61 12.66 38.03
C TRP A 58 -4.00 13.20 37.75
N THR A 59 -4.10 14.51 37.62
CA THR A 59 -5.34 15.17 37.23
CA THR A 59 -5.33 15.16 37.24
C THR A 59 -5.01 16.35 36.33
N VAL A 60 -6.04 16.79 35.59
CA VAL A 60 -5.94 17.98 34.76
C VAL A 60 -7.14 18.87 35.08
N SER A 61 -6.92 20.19 35.07
CA SER A 61 -8.03 21.09 35.37
C SER A 61 -9.01 21.12 34.20
N GLN A 62 -10.24 21.56 34.50
CA GLN A 62 -11.27 21.63 33.46
C GLN A 62 -10.88 22.55 32.32
N ASP A 63 -10.07 23.58 32.57
CA ASP A 63 -9.64 24.43 31.46
C ASP A 63 -8.42 23.89 30.73
N GLY A 64 -7.88 22.75 31.17
CA GLY A 64 -6.77 22.09 30.53
C GLY A 64 -5.43 22.75 30.71
N LEU A 65 -5.31 23.71 31.63
CA LEU A 65 -4.04 24.40 31.80
C LEU A 65 -3.19 23.85 32.94
N THR A 66 -3.78 23.13 33.90
CA THR A 66 -3.05 22.74 35.10
C THR A 66 -3.03 21.22 35.22
N TYR A 67 -1.82 20.65 35.22
CA TYR A 67 -1.63 19.20 35.42
C TYR A 67 -0.99 18.98 36.78
N THR A 68 -1.57 18.09 37.58
CA THR A 68 -1.06 17.81 38.91
C THR A 68 -0.75 16.32 39.01
N TYR A 69 0.43 15.98 39.52
CA TYR A 69 0.90 14.60 39.57
C TYR A 69 1.22 14.21 41.01
N LYS A 70 0.77 13.02 41.43
CA LYS A 70 1.05 12.48 42.75
C LYS A 70 2.13 11.41 42.63
N LEU A 71 3.28 11.67 43.24
CA LEU A 71 4.43 10.77 43.17
C LEU A 71 4.30 9.64 44.19
N ARG A 72 4.65 8.42 43.78
CA ARG A 72 4.60 7.31 44.71
C ARG A 72 5.69 7.46 45.77
N LYS A 73 5.35 7.09 47.00
CA LYS A 73 6.21 7.33 48.14
C LYS A 73 7.46 6.46 48.16
N ASP A 74 7.45 5.32 47.47
CA ASP A 74 8.53 4.34 47.57
C ASP A 74 9.54 4.45 46.44
N ALA A 75 9.51 5.54 45.65
CA ALA A 75 10.48 5.70 44.58
C ALA A 75 11.70 6.44 45.11
N LYS A 76 12.88 5.89 44.85
CA LYS A 76 14.12 6.45 45.34
C LYS A 76 15.12 6.65 44.21
N TRP A 77 16.02 7.61 44.45
CA TRP A 77 17.27 7.71 43.71
C TRP A 77 18.35 6.79 44.30
N PHE A 78 19.17 6.20 43.41
CA PHE A 78 20.33 5.41 43.81
C PHE A 78 21.57 5.90 43.07
N THR A 79 22.75 5.63 43.65
CA THR A 79 23.99 5.86 42.92
C THR A 79 24.24 4.76 41.88
N SER A 80 25.19 4.99 40.99
CA SER A 80 25.51 3.96 39.98
C SER A 80 25.97 2.65 40.61
N GLU A 81 26.45 2.68 41.85
CA GLU A 81 26.84 1.45 42.52
C GLU A 81 25.67 0.78 43.23
N GLY A 82 24.50 1.39 43.21
CA GLY A 82 23.29 0.82 43.76
C GLY A 82 22.90 1.35 45.12
N GLU A 83 23.73 2.16 45.76
CA GLU A 83 23.40 2.65 47.09
C GLU A 83 22.26 3.66 47.04
N GLU A 84 21.49 3.69 48.11
CA GLU A 84 20.41 4.66 48.19
C GLU A 84 20.98 6.07 48.34
N TYR A 85 20.41 7.01 47.58
CA TYR A 85 20.79 8.42 47.69
C TYR A 85 19.72 9.23 48.42
N ALA A 86 18.50 9.26 47.90
CA ALA A 86 17.40 9.99 48.53
C ALA A 86 16.10 9.52 47.88
N PRO A 87 14.97 9.68 48.56
CA PRO A 87 13.69 9.48 47.87
C PRO A 87 13.52 10.52 46.76
N VAL A 88 12.80 10.13 45.72
CA VAL A 88 12.38 11.08 44.70
C VAL A 88 11.33 12.00 45.31
N THR A 89 11.43 13.31 45.02
CA THR A 89 10.46 14.28 45.52
C THR A 89 9.97 15.15 44.37
N ALA A 90 8.87 15.86 44.63
CA ALA A 90 8.34 16.75 43.60
C ALA A 90 9.31 17.86 43.26
N GLN A 91 10.18 18.27 44.19
CA GLN A 91 11.13 19.34 43.92
C GLN A 91 12.08 18.93 42.80
N ASP A 92 12.32 17.63 42.67
CA ASP A 92 13.24 17.17 41.61
C ASP A 92 12.72 17.53 40.23
N PHE A 93 11.42 17.75 40.09
CA PHE A 93 10.90 18.12 38.79
C PHE A 93 11.01 19.62 38.56
N VAL A 94 10.90 20.40 39.62
CA VAL A 94 11.22 21.82 39.52
C VAL A 94 12.69 21.99 39.15
N THR A 95 13.56 21.22 39.80
CA THR A 95 14.99 21.28 39.56
C THR A 95 15.31 20.90 38.14
N GLY A 96 14.67 19.83 37.64
CA GLY A 96 14.95 19.38 36.29
C GLY A 96 14.63 20.42 35.25
N LEU A 97 13.48 21.08 35.39
CA LEU A 97 13.08 22.02 34.36
C LEU A 97 13.95 23.25 34.42
N GLN A 98 14.31 23.70 35.63
CA GLN A 98 15.18 24.87 35.74
C GLN A 98 16.56 24.57 35.19
N TYR A 99 17.07 23.35 35.40
CA TYR A 99 18.38 23.03 34.85
C TYR A 99 18.31 22.98 33.33
N ALA A 100 17.26 22.36 32.79
CA ALA A 100 17.12 22.32 31.33
C ALA A 100 17.11 23.74 30.78
N ALA A 101 16.46 24.67 31.48
CA ALA A 101 16.38 26.06 31.02
C ALA A 101 17.73 26.76 31.14
N ASP A 102 18.38 26.65 32.31
CA ASP A 102 19.68 27.28 32.54
C ASP A 102 20.74 26.78 31.57
N LYS A 103 20.71 25.49 31.24
CA LYS A 103 21.72 24.92 30.37
C LYS A 103 21.37 25.05 28.90
N LYS A 104 20.25 25.70 28.58
CA LYS A 104 19.80 25.86 27.19
C LYS A 104 19.71 24.50 26.49
N SER A 105 18.92 23.60 27.09
CA SER A 105 18.86 22.24 26.60
C SER A 105 18.50 22.25 25.13
N GLU A 106 19.08 21.31 24.40
CA GLU A 106 18.77 21.18 22.98
C GLU A 106 17.34 20.73 22.73
N ALA A 107 16.62 20.24 23.73
CA ALA A 107 15.23 19.81 23.55
C ALA A 107 14.25 20.82 24.16
N LEU A 108 14.69 22.06 24.36
CA LEU A 108 13.81 23.03 25.03
C LEU A 108 12.52 23.30 24.24
N TYR A 109 12.50 23.05 22.91
CA TYR A 109 11.28 23.30 22.15
C TYR A 109 10.11 22.51 22.70
N LEU A 110 10.37 21.42 23.45
CA LEU A 110 9.30 20.60 24.01
C LEU A 110 8.52 21.37 25.08
N VAL A 111 9.17 22.32 25.76
CA VAL A 111 8.54 22.99 26.91
C VAL A 111 8.57 24.50 26.84
N GLN A 112 9.50 25.12 26.10
CA GLN A 112 9.71 26.57 26.22
C GLN A 112 8.46 27.39 25.88
N ASP A 113 7.65 26.89 24.96
CA ASP A 113 6.44 27.58 24.52
C ASP A 113 5.19 27.03 25.17
N SER A 114 5.33 25.98 25.98
CA SER A 114 4.20 25.31 26.62
C SER A 114 4.04 25.66 28.09
N VAL A 115 5.12 25.64 28.86
CA VAL A 115 5.03 25.89 30.30
C VAL A 115 4.99 27.40 30.54
N ALA A 116 3.99 27.85 31.30
CA ALA A 116 3.84 29.29 31.57
C ALA A 116 5.10 29.88 32.20
N GLY A 117 5.47 31.09 31.76
CA GLY A 117 6.64 31.78 32.30
C GLY A 117 7.98 31.25 31.86
N LEU A 118 8.04 30.10 31.20
CA LEU A 118 9.32 29.46 30.93
C LEU A 118 10.09 30.20 29.84
N ASP A 119 9.41 30.61 28.77
CA ASP A 119 10.10 31.38 27.73
C ASP A 119 10.68 32.69 28.28
N ASP A 120 9.94 33.38 29.17
CA ASP A 120 10.48 34.59 29.78
C ASP A 120 11.75 34.27 30.56
N TYR A 121 11.75 33.14 31.26
CA TYR A 121 12.92 32.81 32.09
C TYR A 121 14.12 32.45 31.23
N ILE A 122 13.90 31.59 30.22
CA ILE A 122 15.00 31.14 29.35
C ILE A 122 15.64 32.33 28.65
N THR A 123 14.82 33.25 28.13
CA THR A 123 15.35 34.36 27.34
C THR A 123 15.78 35.56 28.18
N GLY A 124 15.70 35.48 29.51
CA GLY A 124 16.18 36.56 30.34
C GLY A 124 15.20 37.69 30.57
N LYS A 125 13.94 37.54 30.16
CA LYS A 125 12.95 38.57 30.48
C LYS A 125 12.69 38.63 31.97
N THR A 126 12.78 37.49 32.64
CA THR A 126 12.66 37.37 34.08
C THR A 126 13.87 36.59 34.59
N SER A 127 14.15 36.71 35.89
CA SER A 127 15.27 36.01 36.48
C SER A 127 14.83 35.06 37.58
N ASP A 128 13.55 35.02 37.87
CA ASP A 128 12.98 34.36 39.05
C ASP A 128 12.25 33.10 38.60
N PHE A 129 12.84 31.91 38.86
CA PHE A 129 12.17 30.67 38.47
C PHE A 129 10.88 30.43 39.24
N SER A 130 10.63 31.16 40.32
CA SER A 130 9.31 30.99 40.93
C SER A 130 8.18 31.54 40.05
N THR A 131 8.49 32.26 38.98
CA THR A 131 7.46 32.67 38.04
C THR A 131 7.21 31.64 36.92
N VAL A 132 7.86 30.49 36.97
CA VAL A 132 7.73 29.48 35.94
C VAL A 132 6.73 28.43 36.43
N GLY A 133 5.91 27.93 35.51
CA GLY A 133 4.81 27.04 35.83
C GLY A 133 5.17 25.59 36.13
N VAL A 134 6.14 25.37 37.02
CA VAL A 134 6.29 24.07 37.67
C VAL A 134 6.50 24.33 39.15
N LYS A 135 5.77 23.59 39.99
CA LYS A 135 5.78 23.85 41.42
C LYS A 135 5.69 22.52 42.17
N ALA A 136 6.46 22.39 43.24
CA ALA A 136 6.28 21.28 44.18
C ALA A 136 5.28 21.74 45.24
N LEU A 137 4.03 21.27 45.14
CA LEU A 137 3.05 21.73 46.12
C LEU A 137 3.32 21.12 47.49
N ASP A 138 3.82 19.89 47.51
CA ASP A 138 4.44 19.29 48.68
C ASP A 138 5.45 18.27 48.15
N ASP A 139 5.97 17.43 49.05
CA ASP A 139 7.02 16.50 48.61
C ASP A 139 6.52 15.47 47.59
N GLN A 140 5.23 15.12 47.60
CA GLN A 140 4.74 14.12 46.67
C GLN A 140 3.93 14.70 45.51
N THR A 141 3.86 16.02 45.36
CA THR A 141 2.91 16.60 44.40
C THR A 141 3.57 17.67 43.55
N VAL A 142 3.64 17.42 42.21
CA VAL A 142 4.15 18.34 41.21
C VAL A 142 2.98 18.93 40.44
N GLN A 143 3.01 20.24 40.21
CA GLN A 143 1.97 20.85 39.41
C GLN A 143 2.59 21.67 38.29
N TYR A 144 2.17 21.41 37.06
CA TYR A 144 2.58 22.19 35.91
C TYR A 144 1.45 23.08 35.46
N THR A 145 1.79 24.30 35.06
CA THR A 145 0.83 25.25 34.52
C THR A 145 1.25 25.62 33.09
N LEU A 146 0.33 25.46 32.15
CA LEU A 146 0.59 25.65 30.73
C LEU A 146 0.01 26.96 30.21
N VAL A 147 0.56 27.40 29.08
CA VAL A 147 0.12 28.61 28.41
C VAL A 147 -1.22 28.37 27.69
N LYS A 148 -1.40 27.20 27.12
CA LYS A 148 -2.62 26.81 26.45
C LYS A 148 -2.79 25.31 26.60
N PRO A 149 -4.00 24.78 26.41
CA PRO A 149 -4.19 23.34 26.54
C PRO A 149 -3.38 22.57 25.51
N GLU A 150 -2.89 21.40 25.94
CA GLU A 150 -2.17 20.47 25.06
C GLU A 150 -2.68 19.07 25.40
N LEU A 151 -3.55 18.52 24.55
CA LEU A 151 -4.00 17.14 24.77
C LEU A 151 -2.83 16.15 24.75
N TYR A 152 -1.73 16.53 24.13
CA TYR A 152 -0.53 15.72 24.05
C TYR A 152 0.46 16.04 25.16
N TRP A 153 0.07 16.86 26.16
CA TRP A 153 1.01 17.20 27.23
C TRP A 153 1.50 15.95 27.98
N ASN A 154 0.57 15.07 28.38
CA ASN A 154 1.05 13.89 29.12
C ASN A 154 2.02 13.06 28.30
N SER A 155 1.84 12.99 26.98
CA SER A 155 2.82 12.22 26.22
C SER A 155 4.19 12.85 26.28
N LYS A 156 4.28 14.18 26.48
CA LYS A 156 5.59 14.82 26.58
C LYS A 156 6.36 14.41 27.83
N THR A 157 5.68 13.89 28.86
CA THR A 157 6.38 13.51 30.09
C THR A 157 7.21 12.24 29.88
N LEU A 158 7.05 11.58 28.73
CA LEU A 158 7.86 10.44 28.34
C LEU A 158 9.13 10.86 27.62
N ALA A 159 9.37 12.17 27.47
CA ALA A 159 10.62 12.66 26.93
C ALA A 159 11.53 13.13 28.05
N THR A 160 12.85 12.96 27.87
CA THR A 160 13.74 13.08 29.04
C THR A 160 13.89 14.50 29.56
N ILE A 161 13.56 15.53 28.79
CA ILE A 161 13.67 16.88 29.33
C ILE A 161 12.67 17.12 30.46
N LEU A 162 11.63 16.27 30.58
CA LEU A 162 10.71 16.36 31.71
C LEU A 162 10.99 15.32 32.80
N PHE A 163 12.18 14.70 32.77
CA PHE A 163 12.57 13.80 33.86
C PHE A 163 13.14 14.57 35.03
N PRO A 164 13.11 14.00 36.23
CA PRO A 164 13.56 14.72 37.42
C PRO A 164 15.08 14.60 37.59
N VAL A 165 15.60 15.48 38.44
CA VAL A 165 16.98 15.40 38.91
C VAL A 165 17.05 15.97 40.33
N ASN A 166 17.91 15.37 41.15
CA ASN A 166 18.06 15.80 42.54
C ASN A 166 18.96 17.03 42.63
N ALA A 167 18.45 18.10 43.25
CA ALA A 167 19.18 19.36 43.26
C ALA A 167 20.49 19.29 44.03
N ASP A 168 20.52 18.52 45.12
CA ASP A 168 21.76 18.40 45.89
C ASP A 168 22.83 17.68 45.09
N PHE A 169 22.44 16.59 44.40
CA PHE A 169 23.38 15.91 43.50
C PHE A 169 23.87 16.86 42.40
N LEU A 170 22.93 17.52 41.73
CA LEU A 170 23.27 18.47 40.67
C LEU A 170 24.29 19.49 41.15
N LYS A 171 24.03 20.12 42.31
CA LYS A 171 24.97 21.10 42.84
C LYS A 171 26.30 20.46 43.23
N SER A 172 26.24 19.26 43.81
CA SER A 172 27.48 18.57 44.21
C SER A 172 28.36 18.29 43.00
N LYS A 173 27.75 17.94 41.87
CA LYS A 173 28.49 17.48 40.70
C LYS A 173 28.99 18.62 39.84
N GLY A 174 28.32 19.76 39.86
CA GLY A 174 28.73 20.88 39.03
C GLY A 174 28.75 20.49 37.56
N ASP A 175 29.85 20.85 36.89
CA ASP A 175 29.97 20.56 35.46
C ASP A 175 30.29 19.09 35.18
N ASP A 176 30.57 18.28 36.21
CA ASP A 176 30.71 16.84 36.03
C ASP A 176 29.37 16.13 35.86
N PHE A 177 28.25 16.81 36.09
CA PHE A 177 26.95 16.15 35.96
C PHE A 177 26.70 15.74 34.51
N GLY A 178 26.26 14.50 34.31
CA GLY A 178 25.84 14.03 33.01
C GLY A 178 26.95 13.73 32.00
N LYS A 179 28.21 13.67 32.42
CA LYS A 179 29.24 13.23 31.49
C LYS A 179 29.08 11.74 31.17
N ALA A 180 29.87 11.26 30.20
CA ALA A 180 29.78 9.86 29.75
C ALA A 180 30.58 8.96 30.69
N ASP A 181 30.02 8.78 31.87
CA ASP A 181 30.58 8.04 33.00
C ASP A 181 29.39 7.70 33.88
N PRO A 182 29.19 6.43 34.25
CA PRO A 182 27.97 6.06 35.00
C PRO A 182 27.78 6.85 36.29
N SER A 183 28.85 7.28 36.94
CA SER A 183 28.74 7.99 38.21
C SER A 183 28.26 9.45 38.05
N SER A 184 28.00 9.92 36.83
CA SER A 184 27.67 11.32 36.57
C SER A 184 26.20 11.65 36.76
N ILE A 185 25.34 10.66 36.97
CA ILE A 185 23.91 10.87 37.17
C ILE A 185 23.49 9.94 38.29
N LEU A 186 22.28 10.19 38.83
CA LEU A 186 21.64 9.24 39.72
C LEU A 186 20.56 8.45 39.00
N TYR A 187 20.18 7.34 39.62
CA TYR A 187 19.37 6.30 38.98
C TYR A 187 18.06 6.13 39.74
N ASN A 188 16.93 6.25 39.05
CA ASN A 188 15.67 5.84 39.69
C ASN A 188 14.86 4.91 38.79
N GLY A 189 15.47 4.38 37.73
CA GLY A 189 14.79 3.55 36.77
C GLY A 189 15.08 2.07 36.96
N PRO A 190 14.73 1.26 35.95
CA PRO A 190 14.80 -0.20 36.12
C PRO A 190 16.22 -0.76 36.26
N PHE A 191 17.23 -0.07 35.70
CA PHE A 191 18.59 -0.60 35.65
C PHE A 191 19.58 0.39 36.23
N LEU A 192 20.70 -0.16 36.70
CA LEU A 192 21.90 0.60 36.95
C LEU A 192 22.86 0.35 35.79
N MET A 193 23.69 1.34 35.50
CA MET A 193 24.66 1.19 34.43
C MET A 193 25.99 0.70 34.99
N LYS A 194 26.33 -0.55 34.69
CA LYS A 194 27.52 -1.17 35.24
C LYS A 194 28.74 -0.99 34.35
N ALA A 195 28.55 -0.78 33.05
CA ALA A 195 29.69 -0.56 32.17
C ALA A 195 29.29 0.39 31.06
N LEU A 196 30.14 1.37 30.79
CA LEU A 196 29.95 2.25 29.63
C LEU A 196 31.34 2.48 29.08
N VAL A 197 31.73 1.67 28.10
CA VAL A 197 33.08 1.73 27.56
C VAL A 197 32.98 2.06 26.08
N SER A 198 33.59 3.18 25.69
CA SER A 198 33.53 3.66 24.31
C SER A 198 34.03 2.62 23.32
N LYS A 199 33.31 2.47 22.19
CA LYS A 199 33.65 1.51 21.13
C LYS A 199 33.88 0.11 21.69
N SER A 200 33.10 -0.26 22.71
CA SER A 200 33.27 -1.56 23.33
C SER A 200 31.99 -2.13 23.93
N ALA A 201 31.39 -1.46 24.92
CA ALA A 201 30.32 -2.13 25.64
C ALA A 201 29.39 -1.14 26.34
N ILE A 202 28.11 -1.48 26.38
CA ILE A 202 27.17 -0.87 27.31
C ILE A 202 26.56 -2.00 28.11
N GLU A 203 26.63 -1.94 29.44
CA GLU A 203 26.09 -3.03 30.25
C GLU A 203 25.22 -2.49 31.37
N TYR A 204 24.03 -3.09 31.50
CA TYR A 204 23.05 -2.75 32.53
C TYR A 204 22.87 -3.92 33.48
N LYS A 205 22.61 -3.59 34.75
CA LYS A 205 22.24 -4.60 35.74
C LYS A 205 20.90 -4.21 36.34
N LYS A 206 20.01 -5.17 36.50
CA LYS A 206 18.73 -4.86 37.12
C LYS A 206 18.97 -4.27 38.50
N ASN A 207 18.26 -3.17 38.80
CA ASN A 207 18.26 -2.55 40.12
C ASN A 207 17.22 -3.27 40.98
N PRO A 208 17.65 -4.10 41.95
CA PRO A 208 16.66 -4.89 42.69
C PRO A 208 15.78 -4.05 43.58
N ASN A 209 16.17 -2.80 43.85
CA ASN A 209 15.45 -1.90 44.73
C ASN A 209 14.63 -0.86 44.00
N TYR A 210 14.57 -0.95 42.66
CA TYR A 210 13.69 -0.11 41.85
C TYR A 210 12.24 -0.30 42.28
N TRP A 211 11.44 0.79 42.24
CA TRP A 211 10.04 0.70 42.69
C TRP A 211 9.25 -0.37 41.92
N ASP A 212 9.57 -0.61 40.65
CA ASP A 212 8.84 -1.59 39.83
C ASP A 212 9.75 -2.75 39.41
N ALA A 213 10.62 -3.20 40.32
CA ALA A 213 11.50 -4.33 40.01
C ALA A 213 10.74 -5.58 39.56
N LYS A 214 9.50 -5.74 40.03
CA LYS A 214 8.71 -6.90 39.66
C LYS A 214 8.42 -6.99 38.17
N ASN A 215 8.62 -5.89 37.43
CA ASN A 215 8.38 -5.85 36.00
C ASN A 215 9.69 -5.83 35.21
N VAL A 216 10.80 -6.16 35.86
CA VAL A 216 12.10 -6.29 35.19
C VAL A 216 12.48 -7.78 35.19
N PHE A 217 12.50 -8.39 34.02
CA PHE A 217 12.61 -9.83 33.89
C PHE A 217 13.97 -10.28 33.37
N VAL A 218 14.88 -9.35 33.08
CA VAL A 218 16.26 -9.72 32.81
C VAL A 218 17.12 -9.09 33.89
N ASP A 219 18.08 -9.86 34.39
CA ASP A 219 18.98 -9.33 35.41
C ASP A 219 20.16 -8.62 34.82
N ASP A 220 20.54 -8.93 33.58
CA ASP A 220 21.69 -8.30 32.96
C ASP A 220 21.37 -8.03 31.50
N VAL A 221 21.85 -6.90 31.00
CA VAL A 221 21.76 -6.53 29.59
C VAL A 221 23.18 -6.19 29.14
N LYS A 222 23.69 -6.90 28.13
CA LYS A 222 25.04 -6.64 27.64
C LYS A 222 24.97 -6.31 26.16
N LEU A 223 25.42 -5.12 25.78
CA LEU A 223 25.47 -4.68 24.38
C LEU A 223 26.93 -4.54 23.93
N THR A 224 27.31 -5.28 22.90
CA THR A 224 28.65 -5.23 22.33
C THR A 224 28.68 -4.22 21.21
N TYR A 225 29.77 -3.43 21.15
CA TYR A 225 29.91 -2.45 20.08
C TYR A 225 29.99 -3.12 18.71
N TYR A 226 29.24 -2.55 17.76
CA TYR A 226 29.09 -3.09 16.40
C TYR A 226 29.34 -1.94 15.43
N ASP A 227 30.45 -2.01 14.68
CA ASP A 227 30.84 -0.92 13.78
C ASP A 227 30.39 -1.14 12.35
N GLY A 228 29.76 -2.28 12.04
CA GLY A 228 29.21 -2.51 10.73
C GLY A 228 30.11 -3.29 9.82
N SER A 229 31.33 -3.60 10.25
CA SER A 229 32.31 -4.29 9.42
C SER A 229 32.12 -5.80 9.42
N ASP A 230 31.25 -6.33 10.30
CA ASP A 230 31.10 -7.78 10.44
C ASP A 230 29.60 -8.08 10.63
N GLN A 231 28.83 -7.83 9.56
CA GLN A 231 27.38 -8.00 9.64
C GLN A 231 27.01 -9.46 9.93
N GLU A 232 27.83 -10.40 9.45
CA GLU A 232 27.57 -11.82 9.69
C GLU A 232 27.74 -12.21 11.15
N SER A 233 28.42 -11.38 11.96
CA SER A 233 28.62 -11.71 13.37
C SER A 233 27.32 -11.79 14.14
N LEU A 234 26.31 -11.02 13.72
CA LEU A 234 25.03 -11.03 14.45
C LEU A 234 24.45 -12.44 14.46
N GLU A 235 24.24 -13.02 13.28
CA GLU A 235 23.73 -14.38 13.20
C GLU A 235 24.72 -15.38 13.78
N ARG A 236 26.03 -15.20 13.52
CA ARG A 236 27.03 -16.10 14.07
C ARG A 236 26.92 -16.19 15.59
N ASN A 237 26.85 -15.04 16.26
CA ASN A 237 26.79 -15.07 17.72
C ASN A 237 25.44 -15.57 18.22
N PHE A 238 24.35 -15.23 17.52
CA PHE A 238 23.05 -15.77 17.89
C PHE A 238 23.06 -17.29 17.81
N THR A 239 23.55 -17.86 16.71
CA THR A 239 23.55 -19.31 16.59
C THR A 239 24.44 -19.96 17.65
N ALA A 240 25.53 -19.32 18.06
CA ALA A 240 26.40 -19.86 19.10
C ALA A 240 25.82 -19.68 20.50
N GLY A 241 24.61 -19.12 20.61
CA GLY A 241 24.02 -18.90 21.92
C GLY A 241 24.49 -17.65 22.63
N ALA A 242 25.31 -16.81 21.99
CA ALA A 242 25.89 -15.63 22.61
C ALA A 242 25.00 -14.40 22.52
N TYR A 243 24.18 -14.28 21.47
CA TYR A 243 23.23 -13.18 21.36
C TYR A 243 21.81 -13.68 21.49
N THR A 244 20.95 -12.81 22.05
CA THR A 244 19.53 -13.10 22.21
C THR A 244 18.75 -12.85 20.95
N THR A 245 19.29 -12.06 20.03
CA THR A 245 18.61 -11.77 18.78
C THR A 245 19.65 -11.50 17.71
N ALA A 246 19.18 -11.41 16.46
CA ALA A 246 20.10 -11.14 15.36
C ALA A 246 19.34 -10.59 14.16
N ARG A 247 19.74 -9.42 13.68
CA ARG A 247 19.24 -8.93 12.41
CA ARG A 247 19.24 -8.93 12.41
C ARG A 247 19.89 -9.72 11.27
N LEU A 248 19.08 -10.08 10.27
CA LEU A 248 19.56 -10.85 9.12
C LEU A 248 19.77 -9.91 7.94
N PHE A 249 20.74 -10.25 7.10
CA PHE A 249 21.12 -9.47 5.93
C PHE A 249 21.01 -10.34 4.69
N PRO A 250 19.88 -10.32 3.99
CA PRO A 250 19.68 -11.25 2.87
C PRO A 250 20.66 -11.08 1.71
N ASN A 251 21.31 -9.92 1.57
CA ASN A 251 22.29 -9.76 0.50
C ASN A 251 23.52 -10.64 0.69
N SER A 252 23.81 -11.04 1.93
CA SER A 252 25.07 -11.68 2.22
C SER A 252 25.19 -13.03 1.50
N SER A 253 26.43 -13.44 1.23
CA SER A 253 26.68 -14.79 0.77
C SER A 253 26.27 -15.82 1.82
N SER A 254 26.26 -15.41 3.09
CA SER A 254 25.85 -16.24 4.20
C SER A 254 24.36 -16.57 4.18
N TYR A 255 23.54 -15.78 3.49
CA TYR A 255 22.10 -15.87 3.70
C TYR A 255 21.52 -17.17 3.18
N GLU A 256 22.07 -17.70 2.08
CA GLU A 256 21.65 -18.98 1.53
C GLU A 256 21.48 -20.03 2.62
N GLY A 257 22.57 -20.30 3.35
CA GLY A 257 22.54 -21.37 4.33
C GLY A 257 21.77 -21.02 5.57
N ILE A 258 21.72 -19.71 5.88
CA ILE A 258 20.97 -19.26 7.05
C ILE A 258 19.49 -19.48 6.86
N LYS A 259 18.97 -19.12 5.68
CA LYS A 259 17.55 -19.32 5.45
C LYS A 259 17.22 -20.80 5.38
N GLU A 260 18.16 -21.63 4.94
CA GLU A 260 17.98 -23.07 5.08
C GLU A 260 17.89 -23.46 6.55
N LYS A 261 18.86 -23.03 7.35
CA LYS A 261 18.89 -23.42 8.74
C LYS A 261 17.69 -22.88 9.51
N TYR A 262 17.19 -21.70 9.13
CA TYR A 262 16.14 -20.99 9.86
C TYR A 262 14.90 -20.76 9.02
N LYS A 263 14.59 -21.70 8.12
CA LYS A 263 13.42 -21.62 7.24
C LYS A 263 12.18 -21.14 7.98
N ASN A 264 11.94 -21.69 9.18
CA ASN A 264 10.72 -21.42 9.93
C ASN A 264 10.92 -20.44 11.07
N ASN A 265 12.03 -19.68 11.10
CA ASN A 265 12.30 -18.77 12.22
C ASN A 265 12.46 -17.30 11.81
N ILE A 266 12.42 -16.98 10.54
CA ILE A 266 12.67 -15.59 10.13
C ILE A 266 11.44 -14.76 10.44
N ILE A 267 11.63 -13.70 11.21
CA ILE A 267 10.57 -12.82 11.71
C ILE A 267 10.80 -11.42 11.17
N TYR A 268 9.75 -10.83 10.61
CA TYR A 268 9.79 -9.45 10.12
C TYR A 268 9.06 -8.54 11.10
N SER A 269 9.68 -7.42 11.43
CA SER A 269 9.07 -6.47 12.36
C SER A 269 8.16 -5.53 11.59
N MET A 270 7.27 -4.88 12.32
CA MET A 270 6.46 -3.81 11.75
C MET A 270 7.29 -2.55 11.60
N GLN A 271 6.99 -1.77 10.55
CA GLN A 271 7.56 -0.42 10.49
C GLN A 271 7.07 0.44 11.65
N ASN A 272 7.94 1.29 12.17
CA ASN A 272 7.54 2.06 13.35
C ASN A 272 7.57 3.56 13.04
N SER A 273 7.38 4.37 14.08
CA SER A 273 7.17 5.81 13.90
C SER A 273 8.46 6.61 13.74
N THR A 274 9.62 5.97 13.74
CA THR A 274 10.85 6.71 13.46
C THR A 274 11.02 6.82 11.96
N SER A 275 11.17 8.06 11.47
CA SER A 275 11.21 8.35 10.04
C SER A 275 12.57 8.91 9.65
N TYR A 276 13.15 8.35 8.58
CA TYR A 276 14.39 8.86 8.02
C TYR A 276 14.13 9.57 6.70
N PHE A 277 15.04 10.50 6.36
CA PHE A 277 14.89 11.26 5.12
C PHE A 277 16.27 11.83 4.79
N PHE A 278 16.52 12.07 3.50
CA PHE A 278 17.69 12.82 3.10
C PHE A 278 17.39 14.32 3.14
N ASN A 279 18.41 15.10 3.43
CA ASN A 279 18.25 16.55 3.29
C ASN A 279 19.54 17.11 2.72
N PHE A 280 19.46 18.37 2.30
CA PHE A 280 20.61 19.07 1.76
C PHE A 280 21.20 20.00 2.79
N ASN A 281 22.52 20.22 2.68
CA ASN A 281 23.17 21.27 3.45
C ASN A 281 22.99 22.60 2.72
N LEU A 282 22.12 23.46 3.25
CA LEU A 282 21.75 24.69 2.57
C LEU A 282 22.74 25.82 2.77
N ASP A 283 23.72 25.66 3.65
CA ASP A 283 24.68 26.75 3.89
C ASP A 283 26.02 26.15 4.31
N ARG A 284 26.64 25.37 3.44
CA ARG A 284 27.84 24.63 3.82
C ARG A 284 29.01 25.56 4.10
N LYS A 285 29.71 25.30 5.21
CA LYS A 285 30.91 26.05 5.58
C LYS A 285 32.18 25.21 5.66
N SER A 286 32.08 23.89 5.84
CA SER A 286 33.23 23.02 6.06
CA SER A 286 33.23 23.02 6.07
C SER A 286 33.42 22.06 4.90
N TYR A 287 34.63 22.05 4.33
CA TYR A 287 34.99 21.26 3.15
C TYR A 287 36.19 20.37 3.40
N ASN A 288 36.31 19.82 4.62
CA ASN A 288 37.36 18.83 4.86
C ASN A 288 37.13 17.53 4.11
N TYR A 289 35.89 17.19 3.79
CA TYR A 289 35.55 15.92 3.13
C TYR A 289 34.79 16.21 1.84
N THR A 290 35.53 16.35 0.75
CA THR A 290 34.88 16.72 -0.51
C THR A 290 35.74 16.21 -1.65
N SER A 291 35.08 15.94 -2.77
CA SER A 291 35.78 15.63 -4.00
C SER A 291 35.81 16.82 -4.95
N LYS A 292 35.23 17.94 -4.55
CA LYS A 292 35.31 19.15 -5.36
C LYS A 292 36.71 19.74 -5.25
N THR A 293 37.22 20.24 -6.37
CA THR A 293 38.60 20.71 -6.44
C THR A 293 38.73 22.21 -6.64
N SER A 294 37.61 22.95 -6.67
CA SER A 294 37.70 24.36 -6.97
C SER A 294 36.57 25.08 -6.26
N ASP A 295 36.75 26.40 -6.12
CA ASP A 295 35.70 27.17 -5.47
C ASP A 295 34.50 27.32 -6.39
N ILE A 296 34.69 27.28 -7.71
CA ILE A 296 33.51 27.38 -8.57
C ILE A 296 32.63 26.15 -8.43
N GLU A 297 33.21 24.96 -8.24
CA GLU A 297 32.35 23.79 -7.99
C GLU A 297 31.59 23.95 -6.69
N LYS A 298 32.26 24.44 -5.65
CA LYS A 298 31.61 24.60 -4.35
C LYS A 298 30.49 25.64 -4.41
N LYS A 299 30.74 26.78 -5.06
CA LYS A 299 29.64 27.74 -5.20
C LYS A 299 28.53 27.21 -6.09
N SER A 300 28.85 26.40 -7.10
CA SER A 300 27.79 25.82 -7.94
C SER A 300 26.88 24.92 -7.12
N THR A 301 27.45 24.09 -6.25
CA THR A 301 26.61 23.23 -5.44
C THR A 301 25.81 24.04 -4.43
N GLN A 302 26.42 25.08 -3.86
CA GLN A 302 25.71 25.96 -2.93
C GLN A 302 24.47 26.56 -3.57
N GLU A 303 24.57 26.97 -4.83
CA GLU A 303 23.41 27.49 -5.55
C GLU A 303 22.40 26.41 -5.87
N ALA A 304 22.88 25.25 -6.34
CA ALA A 304 21.97 24.17 -6.75
C ALA A 304 21.04 23.73 -5.62
N VAL A 305 21.57 23.56 -4.40
CA VAL A 305 20.72 23.01 -3.35
C VAL A 305 19.64 24.00 -2.95
N LEU A 306 19.80 25.29 -3.28
CA LEU A 306 18.77 26.27 -3.01
C LEU A 306 17.70 26.33 -4.09
N ASN A 307 17.87 25.58 -5.18
CA ASN A 307 16.96 25.61 -6.32
C ASN A 307 15.91 24.51 -6.17
N LYS A 308 14.64 24.89 -6.17
CA LYS A 308 13.58 23.91 -5.91
C LYS A 308 13.51 22.85 -7.01
N ASN A 309 13.61 23.26 -8.28
CA ASN A 309 13.58 22.27 -9.36
C ASN A 309 14.70 21.25 -9.22
N PHE A 310 15.89 21.70 -8.77
CA PHE A 310 17.01 20.80 -8.60
C PHE A 310 16.73 19.77 -7.52
N ARG A 311 16.28 20.23 -6.34
CA ARG A 311 15.92 19.28 -5.29
C ARG A 311 14.84 18.30 -5.74
N GLN A 312 13.84 18.79 -6.47
CA GLN A 312 12.80 17.88 -6.96
C GLN A 312 13.36 16.87 -7.94
N ALA A 313 14.28 17.30 -8.80
CA ALA A 313 14.92 16.37 -9.72
C ALA A 313 15.63 15.26 -8.96
N ILE A 314 16.38 15.62 -7.90
CA ILE A 314 17.04 14.59 -7.10
C ILE A 314 16.00 13.65 -6.50
N ASN A 315 14.91 14.22 -5.97
CA ASN A 315 13.84 13.43 -5.35
C ASN A 315 13.30 12.37 -6.31
N PHE A 316 12.98 12.77 -7.56
CA PHE A 316 12.41 11.80 -8.51
C PHE A 316 13.44 10.86 -9.07
N ALA A 317 14.72 11.17 -8.94
CA ALA A 317 15.75 10.30 -9.48
C ALA A 317 16.24 9.29 -8.46
N PHE A 318 15.81 9.42 -7.21
CA PHE A 318 16.29 8.60 -6.11
C PHE A 318 15.43 7.34 -6.02
N ASP A 319 16.00 6.22 -6.41
CA ASP A 319 15.29 4.94 -6.46
C ASP A 319 15.29 4.33 -5.07
N ARG A 320 14.15 4.46 -4.35
CA ARG A 320 14.07 3.95 -2.97
C ARG A 320 14.09 2.42 -2.93
N THR A 321 13.52 1.77 -3.95
CA THR A 321 13.53 0.30 -3.99
C THR A 321 14.96 -0.23 -4.04
N SER A 322 15.76 0.27 -4.98
CA SER A 322 17.13 -0.18 -5.09
C SER A 322 17.90 0.10 -3.80
N TYR A 323 17.67 1.25 -3.16
CA TYR A 323 18.32 1.59 -1.91
C TYR A 323 17.96 0.60 -0.80
N GLY A 324 16.67 0.36 -0.61
CA GLY A 324 16.25 -0.61 0.39
C GLY A 324 16.79 -2.01 0.11
N ALA A 325 16.93 -2.37 -1.17
CA ALA A 325 17.40 -3.70 -1.48
C ALA A 325 18.82 -3.94 -0.97
N GLN A 326 19.61 -2.87 -0.78
CA GLN A 326 20.99 -3.07 -0.37
C GLN A 326 21.10 -3.66 1.03
N SER A 327 20.13 -3.38 1.90
CA SER A 327 20.14 -3.98 3.23
C SER A 327 19.10 -5.07 3.39
N GLU A 328 18.00 -5.05 2.62
CA GLU A 328 16.90 -6.01 2.80
C GLU A 328 16.86 -7.10 1.75
N GLY A 329 17.69 -7.02 0.72
CA GLY A 329 17.56 -7.90 -0.42
C GLY A 329 16.44 -7.49 -1.36
N LYS A 330 16.48 -8.11 -2.55
CA LYS A 330 15.49 -7.88 -3.60
C LYS A 330 14.07 -8.11 -3.09
N GLU A 331 13.86 -9.22 -2.39
CA GLU A 331 12.51 -9.58 -1.98
C GLU A 331 11.92 -8.54 -1.05
N GLY A 332 12.68 -8.16 -0.03
CA GLY A 332 12.22 -7.29 1.03
C GLY A 332 12.54 -5.83 0.85
N ALA A 333 13.01 -5.42 -0.34
CA ALA A 333 13.52 -4.05 -0.53
C ALA A 333 12.52 -2.99 -0.08
N THR A 334 11.23 -3.22 -0.34
CA THR A 334 10.25 -2.18 -0.08
C THR A 334 9.70 -2.22 1.34
N LYS A 335 10.05 -3.24 2.13
CA LYS A 335 9.44 -3.39 3.46
C LYS A 335 9.80 -2.25 4.42
N ILE A 336 10.80 -1.43 4.11
CA ILE A 336 11.25 -0.39 5.03
C ILE A 336 10.92 1.02 4.55
N LEU A 337 10.22 1.17 3.44
CA LEU A 337 10.08 2.49 2.83
C LEU A 337 9.06 3.37 3.57
N ARG A 338 9.42 4.64 3.73
CA ARG A 338 8.60 5.59 4.45
C ARG A 338 8.56 6.86 3.62
N ASN A 339 7.37 7.35 3.29
CA ASN A 339 7.27 8.38 2.26
C ASN A 339 6.85 9.74 2.75
N LEU A 340 6.69 9.88 4.05
CA LEU A 340 6.41 11.14 4.72
C LEU A 340 7.33 11.22 5.91
N VAL A 341 7.45 12.42 6.50
CA VAL A 341 8.13 12.51 7.78
C VAL A 341 7.19 12.05 8.88
N VAL A 342 5.98 12.61 8.92
CA VAL A 342 4.93 12.09 9.78
C VAL A 342 4.47 10.74 9.23
N PRO A 343 4.50 9.65 10.00
CA PRO A 343 4.00 8.36 9.48
C PRO A 343 2.58 8.50 8.98
N PRO A 344 2.22 7.77 7.92
CA PRO A 344 0.91 7.99 7.26
C PRO A 344 -0.29 7.75 8.16
N ASN A 345 -0.19 6.87 9.16
CA ASN A 345 -1.27 6.63 10.11
C ASN A 345 -0.97 7.20 11.49
N PHE A 346 -0.04 8.16 11.61
CA PHE A 346 0.31 8.72 12.92
C PHE A 346 -0.90 9.35 13.62
N VAL A 347 -1.76 10.04 12.87
CA VAL A 347 -3.04 10.50 13.35
C VAL A 347 -4.05 10.26 12.24
N SER A 348 -5.32 10.44 12.58
CA SER A 348 -6.35 10.39 11.56
C SER A 348 -7.23 11.63 11.68
N ILE A 349 -7.91 11.93 10.58
CA ILE A 349 -8.75 13.11 10.44
C ILE A 349 -10.09 12.61 9.96
N LYS A 350 -11.09 12.61 10.85
CA LYS A 350 -12.42 12.09 10.55
C LYS A 350 -12.33 10.71 9.90
N GLY A 351 -11.46 9.85 10.47
CA GLY A 351 -11.28 8.50 10.00
C GLY A 351 -10.31 8.35 8.86
N LYS A 352 -9.85 9.44 8.26
CA LYS A 352 -8.94 9.35 7.13
C LYS A 352 -7.51 9.46 7.64
N ASP A 353 -6.63 8.56 7.19
CA ASP A 353 -5.25 8.63 7.65
C ASP A 353 -4.60 9.95 7.23
N PHE A 354 -3.73 10.46 8.11
CA PHE A 354 -2.96 11.67 7.80
C PHE A 354 -2.34 11.59 6.40
N GLY A 355 -1.72 10.46 6.07
CA GLY A 355 -1.04 10.38 4.79
C GLY A 355 -1.97 10.45 3.59
N GLU A 356 -3.21 9.97 3.74
CA GLU A 356 -4.15 10.12 2.63
C GLU A 356 -4.62 11.56 2.50
N VAL A 357 -4.70 12.29 3.62
CA VAL A 357 -5.01 13.72 3.53
C VAL A 357 -3.87 14.47 2.86
N VAL A 358 -2.62 14.19 3.25
CA VAL A 358 -1.50 14.85 2.57
C VAL A 358 -1.54 14.54 1.09
N ALA A 359 -1.76 13.26 0.73
CA ALA A 359 -1.82 12.88 -0.68
C ALA A 359 -2.88 13.68 -1.42
N SER A 360 -4.05 13.87 -0.78
CA SER A 360 -5.12 14.60 -1.42
C SER A 360 -4.77 16.07 -1.64
N LYS A 361 -3.77 16.59 -0.91
CA LYS A 361 -3.36 17.98 -1.03
C LYS A 361 -2.19 18.22 -1.98
N MET A 362 -1.61 17.17 -2.57
CA MET A 362 -0.36 17.34 -3.33
C MET A 362 -0.57 17.92 -4.72
N VAL A 363 -1.60 17.46 -5.46
CA VAL A 363 -1.80 17.92 -6.84
C VAL A 363 -1.92 19.43 -6.89
N ASN A 364 -2.50 20.03 -5.84
CA ASN A 364 -2.56 21.48 -5.70
C ASN A 364 -1.18 22.13 -5.82
N TYR A 365 -0.11 21.44 -5.41
CA TYR A 365 1.24 22.00 -5.46
C TYR A 365 1.90 21.83 -6.82
N GLY A 366 1.36 20.97 -7.67
CA GLY A 366 1.86 20.82 -9.02
C GLY A 366 1.42 19.50 -9.62
N LYS A 367 1.25 19.48 -10.94
CA LYS A 367 0.76 18.27 -11.58
C LYS A 367 1.76 17.13 -11.54
N GLU A 368 3.04 17.41 -11.24
CA GLU A 368 4.01 16.33 -11.11
C GLU A 368 3.68 15.38 -9.97
N TRP A 369 2.79 15.79 -9.05
CA TRP A 369 2.41 14.97 -7.91
C TRP A 369 1.15 14.17 -8.14
N GLN A 370 0.52 14.29 -9.31
CA GLN A 370 -0.74 13.62 -9.55
C GLN A 370 -0.65 12.14 -9.24
N GLY A 371 -1.60 11.65 -8.44
CA GLY A 371 -1.68 10.26 -8.10
C GLY A 371 -0.74 9.76 -7.03
N ILE A 372 0.02 10.65 -6.38
CA ILE A 372 1.01 10.19 -5.42
C ILE A 372 0.31 9.47 -4.26
N ASN A 373 0.92 8.38 -3.81
CA ASN A 373 0.40 7.55 -2.72
C ASN A 373 1.48 7.51 -1.66
N PHE A 374 1.14 7.92 -0.43
CA PHE A 374 2.15 8.03 0.62
C PHE A 374 2.18 6.81 1.55
N ALA A 375 1.49 5.72 1.21
CA ALA A 375 1.53 4.54 2.07
C ALA A 375 2.95 4.03 2.29
N ASP A 376 3.21 3.56 3.51
CA ASP A 376 4.44 2.83 3.78
C ASP A 376 4.60 1.68 2.80
N GLY A 377 5.86 1.30 2.55
CA GLY A 377 6.14 0.02 1.91
C GLY A 377 6.08 0.00 0.40
N GLN A 378 6.24 1.14 -0.26
CA GLN A 378 6.26 1.25 -1.70
C GLN A 378 6.96 2.56 -2.04
N ASP A 379 7.47 2.68 -3.29
CA ASP A 379 8.18 3.89 -3.71
C ASP A 379 7.32 4.69 -4.67
N PRO A 380 6.69 5.79 -4.21
CA PRO A 380 5.90 6.65 -5.09
C PRO A 380 6.69 7.79 -5.72
N TYR A 381 7.97 7.93 -5.36
CA TYR A 381 8.77 9.08 -5.83
C TYR A 381 9.50 8.78 -7.13
N TYR A 382 10.17 7.62 -7.21
CA TYR A 382 11.06 7.33 -8.33
C TYR A 382 10.34 7.42 -9.67
N ASN A 383 10.81 8.31 -10.52
CA ASN A 383 10.21 8.50 -11.83
C ASN A 383 11.24 9.20 -12.70
N PRO A 384 11.98 8.46 -13.53
CA PRO A 384 13.04 9.09 -14.32
C PRO A 384 12.56 10.18 -15.25
N GLU A 385 11.39 10.04 -15.86
CA GLU A 385 10.98 11.07 -16.81
C GLU A 385 10.65 12.39 -16.08
N LYS A 386 9.99 12.31 -14.92
CA LYS A 386 9.74 13.51 -14.13
C LYS A 386 11.05 14.12 -13.65
N ALA A 387 11.99 13.29 -13.23
CA ALA A 387 13.28 13.78 -12.76
C ALA A 387 14.02 14.53 -13.86
N LYS A 388 14.07 13.96 -15.06
CA LYS A 388 14.80 14.63 -16.15
C LYS A 388 14.14 15.96 -16.50
N ALA A 389 12.80 16.02 -16.44
CA ALA A 389 12.12 17.26 -16.80
C ALA A 389 12.38 18.33 -15.76
N LYS A 390 12.33 17.97 -14.46
CA LYS A 390 12.67 18.94 -13.41
C LYS A 390 14.11 19.39 -13.55
N PHE A 391 15.02 18.47 -13.90
CA PHE A 391 16.41 18.87 -13.97
C PHE A 391 16.65 19.85 -15.10
N ALA A 392 15.98 19.65 -16.24
CA ALA A 392 16.16 20.56 -17.37
C ALA A 392 15.74 21.97 -17.00
N GLU A 393 14.72 22.11 -16.17
CA GLU A 393 14.30 23.43 -15.74
C GLU A 393 15.29 24.02 -14.73
N ALA A 394 15.79 23.17 -13.81
CA ALA A 394 16.82 23.60 -12.86
C ALA A 394 18.05 24.10 -13.60
N LYS A 395 18.49 23.35 -14.61
CA LYS A 395 19.75 23.68 -15.27
C LYS A 395 19.65 25.03 -15.98
N LYS A 396 18.51 25.32 -16.61
CA LYS A 396 18.37 26.63 -17.24
C LYS A 396 18.40 27.75 -16.21
N GLU A 397 17.71 27.56 -15.07
CA GLU A 397 17.69 28.58 -14.03
C GLU A 397 19.09 28.79 -13.45
N LEU A 398 19.80 27.69 -13.19
CA LEU A 398 21.10 27.75 -12.52
C LEU A 398 22.19 28.24 -13.47
N GLU A 399 22.22 27.76 -14.72
CA GLU A 399 23.23 28.23 -15.67
C GLU A 399 23.23 29.74 -15.79
N ALA A 400 22.05 30.37 -15.72
CA ALA A 400 21.98 31.82 -15.85
C ALA A 400 22.62 32.54 -14.66
N LYS A 401 22.81 31.86 -13.55
CA LYS A 401 23.50 32.38 -12.38
C LYS A 401 24.99 32.05 -12.37
N GLY A 402 25.50 31.47 -13.45
CA GLY A 402 26.89 31.10 -13.53
C GLY A 402 27.21 29.72 -12.99
N VAL A 403 26.19 28.93 -12.65
CA VAL A 403 26.41 27.63 -12.05
C VAL A 403 27.00 26.67 -13.08
N GLN A 404 28.00 25.91 -12.66
CA GLN A 404 28.68 24.97 -13.54
C GLN A 404 28.26 23.55 -13.22
N PHE A 405 28.19 22.71 -14.25
CA PHE A 405 27.71 21.35 -14.12
C PHE A 405 28.80 20.37 -14.54
N PRO A 406 28.82 19.15 -13.99
CA PRO A 406 27.85 18.57 -13.05
C PRO A 406 27.88 19.22 -11.69
N ILE A 407 26.75 19.15 -11.01
CA ILE A 407 26.68 19.45 -9.59
C ILE A 407 27.22 18.27 -8.81
N HIS A 408 28.30 18.49 -8.06
CA HIS A 408 28.85 17.48 -7.15
C HIS A 408 28.18 17.58 -5.80
N LEU A 409 27.70 16.44 -5.27
CA LEU A 409 27.09 16.38 -3.95
C LEU A 409 27.85 15.38 -3.09
N ASP A 410 28.43 15.84 -1.99
CA ASP A 410 29.13 14.94 -1.07
C ASP A 410 28.15 14.26 -0.14
N LYS A 411 28.31 12.96 0.01
CA LYS A 411 27.58 12.15 1.00
C LYS A 411 28.59 11.36 1.80
N THR A 412 28.51 11.45 3.12
CA THR A 412 29.45 10.69 3.94
C THR A 412 28.90 9.30 4.27
N VAL A 413 29.81 8.43 4.67
CA VAL A 413 29.48 7.11 5.17
C VAL A 413 30.67 6.67 6.00
N GLU A 414 30.41 5.85 7.03
CA GLU A 414 31.52 5.27 7.78
C GLU A 414 32.22 4.18 6.98
N VAL A 415 33.57 4.19 7.01
CA VAL A 415 34.36 3.24 6.23
C VAL A 415 34.11 1.80 6.68
N THR A 416 33.73 1.60 7.94
CA THR A 416 33.46 0.24 8.41
C THR A 416 32.04 -0.22 8.11
N ASP A 417 31.15 0.69 7.71
CA ASP A 417 29.73 0.41 7.56
C ASP A 417 29.48 -0.18 6.17
N LYS A 418 29.78 -1.47 6.02
CA LYS A 418 29.72 -2.10 4.70
C LYS A 418 28.31 -2.03 4.10
N VAL A 419 27.27 -2.28 4.88
CA VAL A 419 25.92 -2.20 4.32
C VAL A 419 25.59 -0.76 3.95
N GLY A 420 25.97 0.19 4.80
CA GLY A 420 25.74 1.59 4.50
C GLY A 420 26.44 2.02 3.23
N ILE A 421 27.62 1.45 2.98
CA ILE A 421 28.36 1.81 1.78
C ILE A 421 27.62 1.33 0.54
N GLN A 422 27.00 0.14 0.62
CA GLN A 422 26.21 -0.33 -0.51
C GLN A 422 24.98 0.55 -0.71
N GLY A 423 24.37 1.00 0.39
CA GLY A 423 23.24 1.91 0.29
C GLY A 423 23.60 3.21 -0.42
N VAL A 424 24.69 3.86 0.01
CA VAL A 424 25.01 5.14 -0.63
C VAL A 424 25.49 4.92 -2.06
N SER A 425 26.10 3.75 -2.34
CA SER A 425 26.46 3.41 -3.72
C SER A 425 25.23 3.32 -4.61
N SER A 426 24.14 2.78 -4.06
CA SER A 426 22.90 2.67 -4.85
CA SER A 426 22.89 2.67 -4.83
CA SER A 426 22.89 2.67 -4.84
C SER A 426 22.30 4.04 -5.15
N ILE A 427 22.35 4.97 -4.18
CA ILE A 427 21.87 6.32 -4.43
C ILE A 427 22.68 7.00 -5.51
N LYS A 428 24.01 6.87 -5.45
CA LYS A 428 24.88 7.38 -6.51
C LYS A 428 24.49 6.80 -7.86
N GLN A 429 24.35 5.48 -7.93
CA GLN A 429 24.01 4.84 -9.18
C GLN A 429 22.66 5.30 -9.73
N SER A 430 21.62 5.37 -8.88
CA SER A 430 20.29 5.73 -9.38
CA SER A 430 20.31 5.72 -9.44
C SER A 430 20.24 7.19 -9.86
N ILE A 431 20.74 8.10 -9.03
CA ILE A 431 20.68 9.51 -9.39
C ILE A 431 21.47 9.77 -10.66
N GLU A 432 22.70 9.24 -10.74
CA GLU A 432 23.54 9.47 -11.92
C GLU A 432 22.98 8.77 -13.16
N SER A 433 22.36 7.58 -12.98
CA SER A 433 21.77 6.90 -14.13
C SER A 433 20.62 7.69 -14.73
N VAL A 434 19.79 8.31 -13.88
CA VAL A 434 18.61 9.02 -14.36
C VAL A 434 18.97 10.41 -14.88
N LEU A 435 19.78 11.16 -14.12
CA LEU A 435 20.04 12.55 -14.49
C LEU A 435 21.26 12.73 -15.37
N GLY A 436 22.16 11.75 -15.35
CA GLY A 436 23.35 11.80 -16.16
C GLY A 436 24.52 12.29 -15.34
N SER A 437 25.65 11.59 -15.42
CA SER A 437 26.78 12.03 -14.61
C SER A 437 27.47 13.26 -15.17
N ASP A 438 27.01 13.79 -16.31
CA ASP A 438 27.46 15.11 -16.72
C ASP A 438 26.62 16.21 -16.08
N ASN A 439 25.58 15.83 -15.36
CA ASN A 439 24.68 16.77 -14.68
C ASN A 439 24.79 16.71 -13.18
N VAL A 440 24.88 15.51 -12.60
CA VAL A 440 24.97 15.36 -11.15
C VAL A 440 25.95 14.23 -10.87
N VAL A 441 26.83 14.45 -9.90
CA VAL A 441 27.74 13.42 -9.41
C VAL A 441 27.58 13.31 -7.92
N ILE A 442 27.33 12.09 -7.43
CA ILE A 442 27.28 11.86 -5.99
C ILE A 442 28.65 11.36 -5.59
N ASP A 443 29.35 12.14 -4.76
CA ASP A 443 30.71 11.83 -4.33
C ASP A 443 30.64 11.26 -2.91
N ILE A 444 30.94 9.98 -2.80
CA ILE A 444 30.88 9.27 -1.53
C ILE A 444 32.19 9.48 -0.78
N GLN A 445 32.08 9.96 0.46
CA GLN A 445 33.25 10.21 1.31
C GLN A 445 33.25 9.19 2.43
N GLN A 446 34.20 8.24 2.37
CA GLN A 446 34.29 7.20 3.40
C GLN A 446 35.17 7.71 4.53
N LEU A 447 34.61 7.77 5.74
CA LEU A 447 35.25 8.48 6.84
C LEU A 447 35.51 7.55 8.00
N THR A 448 36.56 7.86 8.75
CA THR A 448 36.76 7.20 10.03
C THR A 448 35.60 7.54 10.96
N SER A 449 35.55 6.83 12.10
CA SER A 449 34.50 7.07 13.08
CA SER A 449 34.50 7.08 13.06
C SER A 449 34.57 8.51 13.59
N ASP A 450 35.76 8.96 13.98
CA ASP A 450 35.92 10.32 14.46
C ASP A 450 35.52 11.32 13.38
N GLU A 451 35.94 11.08 12.14
CA GLU A 451 35.58 11.96 11.04
C GLU A 451 34.08 11.99 10.79
N PHE A 452 33.45 10.82 10.79
CA PHE A 452 32.03 10.70 10.52
C PHE A 452 31.20 11.34 11.62
N ASP A 453 31.59 11.12 12.88
CA ASP A 453 30.87 11.70 14.01
C ASP A 453 30.95 13.23 13.99
N SER A 454 32.15 13.78 13.80
CA SER A 454 32.37 15.20 13.98
C SER A 454 31.81 16.03 12.84
N SER A 455 31.60 15.43 11.67
CA SER A 455 31.06 16.13 10.52
C SER A 455 29.55 16.00 10.38
N GLY A 456 28.92 15.20 11.23
CA GLY A 456 27.52 14.92 11.08
C GLY A 456 26.79 14.88 12.39
N TYR A 457 26.47 13.67 12.89
CA TYR A 457 25.54 13.55 13.99
C TYR A 457 26.01 14.30 15.23
N PHE A 458 27.31 14.26 15.51
CA PHE A 458 27.84 14.88 16.72
C PHE A 458 28.50 16.24 16.46
N ALA A 459 28.35 16.78 15.26
CA ALA A 459 28.77 18.16 15.03
C ALA A 459 27.96 19.07 15.94
N GLN A 460 28.61 20.07 16.51
CA GLN A 460 27.94 20.94 17.47
C GLN A 460 27.45 22.24 16.87
N THR A 461 27.79 22.55 15.63
CA THR A 461 27.28 23.75 14.98
C THR A 461 26.95 23.41 13.54
N ALA A 462 26.08 24.23 12.94
CA ALA A 462 25.82 24.11 11.52
C ALA A 462 27.09 24.28 10.70
N ALA A 463 27.98 25.19 11.09
CA ALA A 463 29.17 25.41 10.28
C ALA A 463 30.07 24.18 10.23
N GLN A 464 30.00 23.30 11.23
CA GLN A 464 30.83 22.09 11.24
C GLN A 464 30.29 20.97 10.37
N LYS A 465 29.06 21.08 9.86
CA LYS A 465 28.51 20.02 9.02
C LYS A 465 29.26 19.99 7.70
N ASP A 466 29.76 18.81 7.33
CA ASP A 466 30.75 18.69 6.26
C ASP A 466 30.23 17.65 5.28
N TYR A 467 29.30 18.09 4.43
CA TYR A 467 28.60 17.25 3.47
C TYR A 467 27.66 18.17 2.70
N ASP A 468 27.13 17.68 1.58
CA ASP A 468 26.04 18.32 0.86
C ASP A 468 24.71 17.62 1.03
N LEU A 469 24.76 16.31 1.29
CA LEU A 469 23.61 15.45 1.47
C LEU A 469 23.74 14.75 2.82
N TYR A 470 22.65 14.66 3.55
CA TYR A 470 22.66 14.07 4.88
C TYR A 470 21.51 13.11 4.96
N HIS A 471 21.68 12.02 5.71
CA HIS A 471 20.61 11.04 5.91
C HIS A 471 20.38 10.90 7.41
N GLY A 472 19.38 11.58 7.93
CA GLY A 472 19.15 11.45 9.35
C GLY A 472 17.70 11.12 9.56
N GLY A 473 17.28 11.14 10.82
CA GLY A 473 15.91 10.79 11.08
C GLY A 473 15.41 11.43 12.35
N TRP A 474 14.11 11.24 12.56
CA TRP A 474 13.45 11.82 13.72
C TRP A 474 12.60 10.76 14.39
N GLY A 475 12.78 10.61 15.69
CA GLY A 475 11.86 9.80 16.47
C GLY A 475 10.94 10.74 17.22
N PRO A 476 9.64 10.52 17.14
CA PRO A 476 8.68 11.47 17.74
C PRO A 476 8.81 11.56 19.25
N ASP A 477 8.69 12.79 19.76
CA ASP A 477 8.79 13.06 21.19
C ASP A 477 7.45 13.11 21.90
N TYR A 478 6.36 13.36 21.18
CA TYR A 478 5.03 13.48 21.77
C TYR A 478 3.99 13.33 20.67
N GLN A 479 2.73 13.15 21.08
CA GLN A 479 1.71 12.61 20.16
C GLN A 479 0.98 13.72 19.44
N ASP A 480 1.66 14.33 18.47
CA ASP A 480 1.09 15.41 17.66
C ASP A 480 1.98 15.60 16.44
N PRO A 481 1.42 15.90 15.23
CA PRO A 481 2.28 16.02 14.04
C PRO A 481 3.40 17.03 14.19
N SER A 482 3.20 17.99 15.09
CA SER A 482 4.21 19.04 15.25
C SER A 482 5.54 18.49 15.75
N THR A 483 5.57 17.35 16.45
CA THR A 483 6.87 16.82 16.88
C THR A 483 7.80 16.61 15.68
N TYR A 484 7.24 16.14 14.57
CA TYR A 484 8.04 15.97 13.35
C TYR A 484 8.16 17.29 12.61
N LEU A 485 7.04 17.96 12.39
CA LEU A 485 7.11 19.02 11.40
C LEU A 485 7.79 20.28 11.98
N ASP A 486 7.86 20.42 13.30
CA ASP A 486 8.54 21.59 13.86
C ASP A 486 10.05 21.57 13.64
N ILE A 487 10.65 20.44 13.26
CA ILE A 487 12.11 20.33 13.36
C ILE A 487 12.84 21.15 12.31
N PHE A 488 12.09 21.69 11.36
CA PHE A 488 12.67 22.52 10.28
C PHE A 488 12.30 23.99 10.45
N ASN A 489 11.67 24.33 11.57
CA ASN A 489 11.29 25.75 11.81
C ASN A 489 12.53 26.60 12.07
N THR A 490 12.53 27.83 11.57
CA THR A 490 13.73 28.65 11.66
C THR A 490 13.98 29.23 13.04
N ASN A 491 12.97 29.31 13.91
CA ASN A 491 13.19 29.84 15.26
C ASN A 491 13.93 28.84 16.15
N SER A 492 13.55 27.57 16.07
CA SER A 492 14.02 26.60 17.06
C SER A 492 14.04 25.15 16.57
N GLY A 493 13.93 24.90 15.27
CA GLY A 493 13.86 23.54 14.73
C GLY A 493 15.06 22.69 15.14
N GLY A 494 14.77 21.54 15.73
CA GLY A 494 15.80 20.61 16.17
C GLY A 494 16.68 20.06 15.07
N PHE A 495 16.18 20.11 13.82
CA PHE A 495 16.94 19.59 12.66
C PHE A 495 17.46 20.73 11.77
N LEU A 496 17.57 21.95 12.31
CA LEU A 496 18.09 23.05 11.49
C LEU A 496 19.57 22.91 11.22
N GLN A 497 20.34 22.52 12.24
CA GLN A 497 21.79 22.49 12.04
C GLN A 497 22.19 21.45 10.98
N ASN A 498 21.41 20.37 10.84
CA ASN A 498 21.68 19.38 9.78
C ASN A 498 21.40 19.92 8.40
N LEU A 499 20.57 20.95 8.29
CA LEU A 499 20.41 21.67 7.04
C LEU A 499 21.39 22.82 6.88
N GLY A 500 22.37 22.95 7.78
CA GLY A 500 23.34 24.06 7.67
C GLY A 500 22.86 25.40 8.19
N LEU A 501 21.72 25.43 8.87
CA LEU A 501 21.08 26.63 9.38
C LEU A 501 21.15 26.65 10.90
N GLU A 502 21.13 27.84 11.46
CA GLU A 502 21.11 28.00 12.91
C GLU A 502 19.78 28.57 13.36
N PRO A 503 19.17 28.01 14.40
CA PRO A 503 17.95 28.63 14.95
C PRO A 503 18.20 30.08 15.32
N GLY A 504 17.17 30.90 15.15
CA GLY A 504 17.31 32.35 15.28
C GLY A 504 16.65 33.03 14.10
N GLU A 505 17.05 34.24 13.72
CA GLU A 505 16.39 34.83 12.57
C GLU A 505 16.82 34.10 11.30
N ALA A 506 15.85 33.84 10.42
CA ALA A 506 16.11 33.13 9.18
C ALA A 506 17.03 33.94 8.29
N ASN A 507 18.11 33.33 7.79
CA ASN A 507 19.04 34.08 6.96
C ASN A 507 18.58 34.00 5.51
N ASP A 508 19.36 34.59 4.60
CA ASP A 508 18.85 34.70 3.23
C ASP A 508 18.68 33.32 2.57
N LYS A 509 19.47 32.32 2.97
CA LYS A 509 19.32 30.98 2.40
C LYS A 509 18.05 30.31 2.90
N ALA A 510 17.74 30.46 4.19
CA ALA A 510 16.47 29.96 4.70
C ALA A 510 15.29 30.59 3.96
N LYS A 511 15.39 31.90 3.69
CA LYS A 511 14.30 32.58 2.99
C LYS A 511 14.26 32.19 1.51
N ALA A 512 15.42 31.92 0.92
CA ALA A 512 15.46 31.52 -0.48
C ALA A 512 14.68 30.22 -0.72
N VAL A 513 14.68 29.30 0.25
CA VAL A 513 13.96 28.04 0.09
C VAL A 513 12.59 28.08 0.73
N GLY A 514 12.22 29.20 1.35
CA GLY A 514 10.88 29.36 1.88
C GLY A 514 10.67 28.85 3.29
N LEU A 515 11.73 28.60 4.05
CA LEU A 515 11.51 28.06 5.39
C LEU A 515 10.93 29.09 6.33
N ASP A 516 11.03 30.38 6.00
CA ASP A 516 10.31 31.37 6.80
C ASP A 516 8.81 31.22 6.63
N VAL A 517 8.35 31.02 5.39
CA VAL A 517 6.92 30.78 5.16
C VAL A 517 6.49 29.49 5.87
N TYR A 518 7.29 28.43 5.76
CA TYR A 518 7.02 27.16 6.46
C TYR A 518 6.83 27.40 7.95
N THR A 519 7.71 28.21 8.52
CA THR A 519 7.68 28.49 9.95
C THR A 519 6.41 29.26 10.33
N GLN A 520 6.00 30.25 9.50
CA GLN A 520 4.76 30.96 9.77
C GLN A 520 3.55 30.02 9.68
N MET A 521 3.60 29.05 8.76
CA MET A 521 2.52 28.06 8.66
C MET A 521 2.44 27.25 9.95
N LEU A 522 3.60 26.84 10.48
CA LEU A 522 3.62 26.10 11.73
C LEU A 522 2.99 26.89 12.86
N GLU A 523 3.33 28.17 12.95
CA GLU A 523 2.81 28.98 14.05
C GLU A 523 1.29 29.08 13.98
N GLU A 524 0.73 29.19 12.77
CA GLU A 524 -0.72 29.29 12.64
C GLU A 524 -1.39 27.96 12.94
N ALA A 525 -0.81 26.87 12.45
CA ALA A 525 -1.41 25.58 12.72
C ALA A 525 -1.41 25.26 14.21
N ASN A 526 -0.34 25.64 14.90
CA ASN A 526 -0.23 25.34 16.32
C ASN A 526 -1.33 25.99 17.15
N LYS A 527 -1.96 27.07 16.65
CA LYS A 527 -3.04 27.72 17.38
C LYS A 527 -4.34 26.93 17.39
N GLU A 528 -4.50 25.99 16.47
CA GLU A 528 -5.74 25.22 16.37
C GLU A 528 -5.80 24.17 17.46
N GLN A 529 -6.89 24.15 18.23
CA GLN A 529 -7.04 23.14 19.28
C GLN A 529 -7.96 21.98 18.89
N ASP A 530 -8.88 22.19 17.97
CA ASP A 530 -9.70 21.07 17.50
C ASP A 530 -8.83 20.08 16.73
N PRO A 531 -8.76 18.82 17.14
CA PRO A 531 -7.80 17.89 16.52
C PRO A 531 -7.97 17.73 15.00
N ALA A 532 -9.21 17.61 14.50
CA ALA A 532 -9.40 17.38 13.06
C ALA A 532 -8.89 18.58 12.25
N LYS A 533 -9.26 19.80 12.67
CA LYS A 533 -8.81 21.01 11.98
C LYS A 533 -7.31 21.20 12.14
N ARG A 534 -6.78 20.93 13.33
CA ARG A 534 -5.35 21.05 13.59
C ARG A 534 -4.57 20.12 12.70
N TYR A 535 -5.02 18.87 12.63
CA TYR A 535 -4.26 17.90 11.85
C TYR A 535 -4.32 18.23 10.37
N GLU A 536 -5.45 18.74 9.90
CA GLU A 536 -5.56 19.12 8.50
C GLU A 536 -4.59 20.25 8.17
N LYS A 537 -4.42 21.21 9.08
CA LYS A 537 -3.44 22.27 8.87
C LYS A 537 -2.02 21.72 8.85
N TYR A 538 -1.70 20.76 9.73
CA TYR A 538 -0.39 20.13 9.65
C TYR A 538 -0.26 19.28 8.40
N ALA A 539 -1.36 18.75 7.87
CA ALA A 539 -1.25 18.00 6.62
C ALA A 539 -0.84 18.93 5.46
N ASP A 540 -1.40 20.15 5.43
CA ASP A 540 -0.98 21.16 4.46
C ASP A 540 0.51 21.40 4.58
N ILE A 541 0.99 21.51 5.81
CA ILE A 541 2.40 21.80 6.07
C ILE A 541 3.27 20.64 5.59
N GLN A 542 2.87 19.41 5.91
CA GLN A 542 3.64 18.27 5.38
C GLN A 542 3.62 18.25 3.86
N ALA A 543 2.48 18.56 3.23
CA ALA A 543 2.43 18.59 1.76
C ALA A 543 3.38 19.65 1.19
N TRP A 544 3.36 20.85 1.77
CA TRP A 544 4.30 21.89 1.37
C TRP A 544 5.72 21.38 1.44
N LEU A 545 6.04 20.66 2.51
CA LEU A 545 7.41 20.21 2.71
C LEU A 545 7.79 19.16 1.68
N ILE A 546 6.90 18.21 1.38
CA ILE A 546 7.20 17.23 0.32
C ILE A 546 7.45 17.95 -1.01
N ASP A 547 6.57 18.88 -1.36
CA ASP A 547 6.74 19.60 -2.63
C ASP A 547 8.07 20.34 -2.66
N SER A 548 8.45 20.98 -1.55
CA SER A 548 9.71 21.73 -1.48
C SER A 548 10.93 20.86 -1.75
N SER A 549 10.80 19.57 -1.45
CA SER A 549 11.88 18.59 -1.58
C SER A 549 13.11 19.01 -0.76
N LEU A 550 12.85 19.76 0.33
CA LEU A 550 13.89 20.02 1.32
C LEU A 550 14.19 18.77 2.15
N VAL A 551 13.25 17.81 2.19
CA VAL A 551 13.50 16.45 2.65
C VAL A 551 13.10 15.49 1.55
N LEU A 552 13.82 14.38 1.47
CA LEU A 552 13.53 13.27 0.54
C LEU A 552 13.25 12.05 1.40
N PRO A 553 11.99 11.74 1.69
CA PRO A 553 11.71 10.67 2.66
C PRO A 553 12.26 9.35 2.17
N SER A 554 12.82 8.55 3.09
CA SER A 554 13.48 7.32 2.69
C SER A 554 12.87 6.10 3.36
N VAL A 555 13.23 5.88 4.62
CA VAL A 555 12.94 4.61 5.29
C VAL A 555 12.49 4.86 6.72
N SER A 556 11.91 3.84 7.33
CA SER A 556 11.61 3.80 8.75
C SER A 556 12.52 2.83 9.46
N ARG A 557 12.42 2.81 10.79
CA ARG A 557 12.87 1.64 11.51
C ARG A 557 11.83 0.54 11.40
N GLY A 558 12.25 -0.69 11.65
CA GLY A 558 11.37 -1.83 11.49
C GLY A 558 11.24 -2.28 10.04
N GLY A 559 10.44 -3.35 9.86
CA GLY A 559 10.28 -3.94 8.54
C GLY A 559 11.38 -4.88 8.12
N THR A 560 12.20 -5.32 9.07
CA THR A 560 13.45 -6.02 8.85
C THR A 560 13.39 -7.44 9.42
N PRO A 561 14.16 -8.36 8.87
CA PRO A 561 14.14 -9.76 9.32
C PRO A 561 15.08 -9.98 10.49
N SER A 562 14.65 -10.84 11.42
CA SER A 562 15.47 -11.16 12.58
C SER A 562 15.25 -12.61 12.99
N LEU A 563 16.19 -13.12 13.77
CA LEU A 563 16.00 -14.32 14.57
C LEU A 563 15.91 -13.89 16.02
N ARG A 564 15.08 -14.57 16.82
CA ARG A 564 14.74 -14.05 18.14
C ARG A 564 14.62 -15.15 19.18
N ARG A 565 15.17 -14.87 20.37
CA ARG A 565 14.81 -15.60 21.58
C ARG A 565 14.20 -14.69 22.62
N THR A 566 13.81 -13.48 22.23
CA THR A 566 12.97 -12.62 23.07
C THR A 566 11.51 -13.09 22.97
N VAL A 567 10.77 -12.88 24.04
CA VAL A 567 9.34 -13.26 24.04
C VAL A 567 8.56 -12.24 23.21
N PRO A 568 7.74 -12.65 22.25
CA PRO A 568 7.03 -11.68 21.41
C PRO A 568 6.08 -10.80 22.22
N PHE A 569 6.18 -9.49 21.97
CA PHE A 569 5.29 -8.45 22.50
C PHE A 569 5.27 -8.40 24.02
N ALA A 570 6.38 -8.80 24.64
CA ALA A 570 6.48 -8.62 26.09
C ALA A 570 6.89 -7.20 26.47
N ALA A 571 7.67 -6.52 25.64
CA ALA A 571 8.21 -5.23 26.03
C ALA A 571 7.16 -4.12 25.89
N ALA A 572 7.45 -2.98 26.53
CA ALA A 572 6.61 -1.82 26.36
C ALA A 572 6.69 -1.33 24.92
N TYR A 573 5.61 -0.71 24.47
CA TYR A 573 5.52 -0.08 23.15
C TYR A 573 5.00 1.34 23.33
N GLY A 574 5.55 2.28 22.57
CA GLY A 574 5.04 3.63 22.60
C GLY A 574 5.09 4.22 21.20
N LEU A 575 4.01 4.87 20.79
CA LEU A 575 4.05 5.56 19.51
C LEU A 575 5.04 6.70 19.55
N THR A 576 5.20 7.34 20.71
CA THR A 576 6.13 8.46 20.88
C THR A 576 6.84 8.33 22.21
N GLY A 577 7.93 9.08 22.36
CA GLY A 577 8.63 9.14 23.63
C GLY A 577 9.70 8.09 23.73
N THR A 578 10.27 7.94 24.93
CA THR A 578 11.41 7.03 25.06
C THR A 578 11.22 5.94 26.11
N LYS A 579 9.97 5.53 26.35
CA LYS A 579 9.68 4.47 27.34
C LYS A 579 8.99 3.26 26.71
N GLY A 580 9.21 3.00 25.42
CA GLY A 580 8.77 1.77 24.79
C GLY A 580 9.92 0.83 24.49
N VAL A 581 10.21 0.64 23.20
CA VAL A 581 11.22 -0.32 22.78
C VAL A 581 12.60 0.05 23.31
N GLU A 582 12.83 1.34 23.61
CA GLU A 582 14.10 1.78 24.16
C GLU A 582 14.39 1.14 25.50
N SER A 583 13.35 0.80 26.25
CA SER A 583 13.52 0.33 27.62
C SER A 583 13.58 -1.20 27.64
N TYR A 584 14.51 -1.75 28.44
CA TYR A 584 14.56 -3.19 28.67
C TYR A 584 13.70 -3.62 29.85
N LYS A 585 12.95 -2.69 30.46
CA LYS A 585 11.88 -3.12 31.36
C LYS A 585 10.87 -3.95 30.56
N TYR A 586 10.19 -4.88 31.23
CA TYR A 586 9.09 -5.71 30.68
C TYR A 586 9.56 -6.79 29.70
N LEU A 587 10.64 -6.53 28.97
CA LEU A 587 11.21 -7.48 28.04
C LEU A 587 11.51 -8.81 28.73
N LYS A 588 11.24 -9.91 28.04
CA LYS A 588 11.48 -11.26 28.55
C LYS A 588 12.24 -12.06 27.52
N VAL A 589 13.03 -13.02 28.00
CA VAL A 589 13.77 -13.88 27.09
CA VAL A 589 13.86 -13.88 27.17
C VAL A 589 13.42 -15.31 27.41
N GLN A 590 13.55 -16.17 26.39
CA GLN A 590 13.12 -17.55 26.53
C GLN A 590 14.19 -18.44 25.90
N ASP A 591 14.10 -19.76 26.18
CA ASP A 591 15.06 -20.71 25.60
C ASP A 591 14.80 -20.99 24.12
N LYS A 592 13.54 -21.05 23.70
CA LYS A 592 13.22 -21.45 22.34
C LYS A 592 13.40 -20.31 21.34
N ILE A 593 14.01 -20.63 20.20
CA ILE A 593 14.02 -19.72 19.06
C ILE A 593 12.60 -19.62 18.52
N VAL A 594 12.05 -18.40 18.53
CA VAL A 594 10.66 -18.17 18.13
C VAL A 594 10.48 -18.53 16.67
N THR A 595 9.33 -19.12 16.33
CA THR A 595 9.06 -19.46 14.95
C THR A 595 8.24 -18.36 14.28
N THR A 596 8.28 -18.35 12.95
CA THR A 596 7.47 -17.39 12.21
C THR A 596 5.99 -17.53 12.57
N ASP A 597 5.49 -18.78 12.61
CA ASP A 597 4.07 -18.99 12.91
CA ASP A 597 4.07 -18.99 12.92
C ASP A 597 3.73 -18.56 14.35
N GLU A 598 4.60 -18.87 15.31
CA GLU A 598 4.40 -18.42 16.69
C GLU A 598 4.37 -16.91 16.76
N TYR A 599 5.30 -16.25 16.06
CA TYR A 599 5.32 -14.81 16.10
C TYR A 599 4.03 -14.24 15.52
N ALA A 600 3.58 -14.79 14.39
CA ALA A 600 2.37 -14.26 13.77
C ALA A 600 1.17 -14.44 14.68
N LYS A 601 1.07 -15.59 15.35
CA LYS A 601 -0.04 -15.78 16.29
C LYS A 601 0.04 -14.77 17.43
N ALA A 602 1.24 -14.53 17.95
CA ALA A 602 1.41 -13.54 19.01
C ALA A 602 1.10 -12.13 18.50
N ARG A 603 1.50 -11.82 17.26
CA ARG A 603 1.24 -10.51 16.69
C ARG A 603 -0.26 -10.24 16.54
N GLU A 604 -1.00 -11.21 15.97
CA GLU A 604 -2.44 -11.00 15.79
C GLU A 604 -3.13 -10.84 17.13
N LYS A 605 -2.63 -11.56 18.14
CA LYS A 605 -3.17 -11.43 19.48
C LYS A 605 -2.91 -10.03 20.05
N TRP A 606 -1.66 -9.55 19.93
CA TRP A 606 -1.30 -8.21 20.37
C TRP A 606 -2.07 -7.13 19.62
N LEU A 607 -2.19 -7.25 18.29
CA LEU A 607 -2.88 -6.21 17.51
C LEU A 607 -4.32 -6.07 17.95
N LYS A 608 -4.99 -7.20 18.21
CA LYS A 608 -6.39 -7.16 18.64
C LYS A 608 -6.51 -6.64 20.05
N GLU A 609 -5.63 -7.11 20.95
CA GLU A 609 -5.68 -6.63 22.33
C GLU A 609 -5.37 -5.14 22.41
N LYS A 610 -4.52 -4.66 21.52
CA LYS A 610 -4.11 -3.26 21.57
C LYS A 610 -5.29 -2.33 21.30
N GLU A 611 -6.08 -2.62 20.27
CA GLU A 611 -7.22 -1.77 19.98
C GLU A 611 -8.18 -1.75 21.15
N GLU A 612 -8.45 -2.92 21.73
CA GLU A 612 -9.34 -2.98 22.89
C GLU A 612 -8.76 -2.21 24.07
N SER A 613 -7.45 -2.37 24.29
CA SER A 613 -6.75 -1.71 25.43
C SER A 613 -6.77 -0.18 25.26
N ASN A 614 -6.46 0.30 24.06
CA ASN A 614 -6.42 1.74 23.77
C ASN A 614 -7.82 2.35 23.99
N LYS A 615 -8.87 1.65 23.59
CA LYS A 615 -10.21 2.18 23.78
C LYS A 615 -10.56 2.29 25.26
N LYS A 616 -10.13 1.33 26.07
CA LYS A 616 -10.41 1.46 27.49
C LYS A 616 -9.59 2.57 28.14
N ALA A 617 -8.35 2.75 27.67
CA ALA A 617 -7.51 3.82 28.17
C ALA A 617 -8.11 5.18 27.86
N GLN A 618 -8.70 5.33 26.67
CA GLN A 618 -9.30 6.62 26.33
C GLN A 618 -10.51 6.89 27.21
N GLU A 619 -11.28 5.85 27.54
CA GLU A 619 -12.38 6.05 28.47
C GLU A 619 -11.89 6.46 29.86
N GLU A 620 -10.79 5.88 30.32
CA GLU A 620 -10.26 6.21 31.63
C GLU A 620 -9.83 7.68 31.74
N LEU A 621 -9.55 8.34 30.60
CA LEU A 621 -9.03 9.71 30.63
C LEU A 621 -9.98 10.65 31.38
N ALA A 622 -11.29 10.53 31.15
CA ALA A 622 -12.23 11.49 31.71
C ALA A 622 -12.22 11.51 33.24
N LYS A 623 -11.91 10.38 33.86
CA LYS A 623 -11.84 10.32 35.31
C LYS A 623 -10.78 11.26 35.88
N HIS A 624 -9.80 11.66 35.07
CA HIS A 624 -8.71 12.51 35.56
C HIS A 624 -9.00 14.00 35.48
N VAL A 625 -10.14 14.39 34.92
CA VAL A 625 -10.46 15.81 34.81
C VAL A 625 -10.98 16.31 36.15
N LYS A 626 -10.28 17.29 36.72
CA LYS A 626 -10.63 17.94 37.99
C LYS A 626 -12.00 18.60 37.93
N SER B 6 -13.22 -36.94 4.30
CA SER B 6 -12.99 -35.55 3.84
C SER B 6 -13.04 -35.50 2.30
N LYS B 7 -13.36 -34.31 1.75
CA LYS B 7 -13.44 -34.14 0.32
C LYS B 7 -12.57 -32.95 -0.07
N THR B 8 -11.80 -33.11 -1.15
CA THR B 8 -10.82 -32.12 -1.57
C THR B 8 -11.06 -31.77 -3.03
N TYR B 9 -10.93 -30.50 -3.38
CA TYR B 9 -10.91 -30.09 -4.78
C TYR B 9 -9.51 -29.60 -5.09
N ASN B 10 -8.96 -30.13 -6.17
CA ASN B 10 -7.58 -29.79 -6.57
C ASN B 10 -7.54 -29.33 -8.01
N TYR B 11 -6.96 -28.16 -8.25
CA TYR B 11 -6.79 -27.71 -9.63
C TYR B 11 -5.65 -26.70 -9.67
N VAL B 12 -5.78 -25.67 -10.50
CA VAL B 12 -4.68 -24.74 -10.77
C VAL B 12 -5.21 -23.30 -10.74
N TYR B 13 -4.27 -22.37 -10.70
CA TYR B 13 -4.54 -20.95 -10.84
C TYR B 13 -3.38 -20.36 -11.61
N SER B 14 -3.61 -19.26 -12.29
CA SER B 14 -2.53 -18.68 -13.06
C SER B 14 -2.22 -17.23 -12.72
N SER B 15 -3.02 -16.59 -11.87
CA SER B 15 -2.88 -15.17 -11.59
C SER B 15 -2.61 -14.99 -10.09
N ASP B 16 -1.37 -14.66 -9.73
CA ASP B 16 -1.10 -14.24 -8.37
C ASP B 16 -1.77 -12.89 -8.13
N PRO B 17 -2.38 -12.68 -6.97
CA PRO B 17 -2.97 -11.37 -6.68
C PRO B 17 -1.90 -10.35 -6.33
N SER B 18 -2.15 -9.08 -6.72
CA SER B 18 -1.25 -8.05 -6.25
C SER B 18 -1.49 -7.75 -4.79
N SER B 19 -2.68 -8.03 -4.30
CA SER B 19 -3.06 -7.77 -2.92
C SER B 19 -4.35 -8.51 -2.66
N LEU B 20 -4.73 -8.62 -1.38
CA LEU B 20 -6.04 -9.09 -0.99
C LEU B 20 -6.98 -7.94 -0.64
N ASN B 21 -6.71 -6.73 -1.15
CA ASN B 21 -7.48 -5.57 -0.71
C ASN B 21 -8.74 -5.52 -1.54
N TYR B 22 -9.76 -6.24 -1.07
CA TYR B 22 -11.02 -6.30 -1.78
C TYR B 22 -11.78 -4.98 -1.79
N LEU B 23 -11.41 -4.02 -0.95
CA LEU B 23 -12.10 -2.74 -0.98
C LEU B 23 -11.44 -1.77 -1.95
N ALA B 24 -10.19 -2.01 -2.36
CA ALA B 24 -9.45 -1.09 -3.19
C ALA B 24 -9.22 -1.57 -4.61
N GLU B 25 -9.30 -2.88 -4.85
CA GLU B 25 -8.93 -3.47 -6.13
C GLU B 25 -10.15 -3.69 -7.01
N ASN B 26 -9.98 -3.50 -8.32
CA ASN B 26 -11.01 -3.95 -9.27
C ASN B 26 -10.50 -5.08 -10.17
N ARG B 27 -9.40 -5.73 -9.82
CA ARG B 27 -8.86 -6.83 -10.61
C ARG B 27 -9.42 -8.15 -10.13
N ALA B 28 -9.88 -8.97 -11.07
CA ALA B 28 -10.34 -10.32 -10.71
C ALA B 28 -9.26 -11.15 -10.01
N ALA B 29 -7.98 -10.84 -10.21
CA ALA B 29 -6.96 -11.63 -9.53
C ALA B 29 -7.12 -11.55 -8.02
N THR B 30 -7.67 -10.45 -7.51
CA THR B 30 -8.01 -10.32 -6.10
C THR B 30 -9.38 -10.91 -5.78
N SER B 31 -10.41 -10.52 -6.55
CA SER B 31 -11.76 -10.95 -6.14
C SER B 31 -11.98 -12.44 -6.34
N ASP B 32 -11.28 -13.07 -7.29
CA ASP B 32 -11.43 -14.52 -7.44
C ASP B 32 -11.07 -15.26 -6.16
N ILE B 33 -10.10 -14.75 -5.42
CA ILE B 33 -9.68 -15.33 -4.16
C ILE B 33 -10.62 -14.90 -3.04
N VAL B 34 -10.83 -13.58 -2.89
CA VAL B 34 -11.60 -13.07 -1.76
C VAL B 34 -13.06 -13.56 -1.79
N ALA B 35 -13.60 -13.85 -2.97
CA ALA B 35 -14.90 -14.53 -3.09
C ALA B 35 -15.06 -15.69 -2.13
N ASN B 36 -13.97 -16.38 -1.80
CA ASN B 36 -14.06 -17.56 -0.95
C ASN B 36 -13.86 -17.26 0.51
N LEU B 37 -13.52 -16.02 0.86
CA LEU B 37 -13.03 -15.63 2.16
C LEU B 37 -13.89 -14.61 2.86
N VAL B 38 -14.54 -13.73 2.12
CA VAL B 38 -15.35 -12.66 2.69
C VAL B 38 -16.67 -12.67 1.95
N ASP B 39 -17.76 -12.63 2.71
CA ASP B 39 -19.11 -12.51 2.20
C ASP B 39 -19.59 -11.06 2.30
N GLY B 40 -20.52 -10.69 1.42
CA GLY B 40 -21.24 -9.45 1.51
C GLY B 40 -22.68 -9.66 1.93
N LEU B 41 -23.52 -8.68 1.60
CA LEU B 41 -24.93 -8.73 2.01
C LEU B 41 -25.67 -9.92 1.40
N LEU B 42 -25.48 -10.17 0.10
CA LEU B 42 -26.26 -11.16 -0.64
C LEU B 42 -25.30 -12.05 -1.42
N GLU B 43 -25.81 -13.15 -1.98
CA GLU B 43 -24.96 -14.04 -2.78
C GLU B 43 -25.84 -14.75 -3.81
N ASN B 44 -25.29 -15.79 -4.46
CA ASN B 44 -26.00 -16.51 -5.51
C ASN B 44 -26.35 -17.94 -5.08
N ASP B 45 -27.45 -18.47 -5.61
CA ASP B 45 -27.69 -19.91 -5.54
C ASP B 45 -27.22 -20.54 -6.84
N GLN B 46 -27.58 -21.79 -7.06
CA GLN B 46 -27.13 -22.51 -8.25
C GLN B 46 -27.72 -21.96 -9.53
N TYR B 47 -28.75 -21.11 -9.44
CA TYR B 47 -29.50 -20.68 -10.61
C TYR B 47 -29.29 -19.22 -10.95
N GLY B 48 -28.42 -18.51 -10.24
CA GLY B 48 -28.22 -17.09 -10.48
C GLY B 48 -29.17 -16.17 -9.76
N ASN B 49 -30.06 -16.70 -8.92
CA ASN B 49 -30.87 -15.88 -8.06
C ASN B 49 -30.00 -15.20 -7.01
N ILE B 50 -30.42 -14.00 -6.60
CA ILE B 50 -29.77 -13.31 -5.50
C ILE B 50 -30.45 -13.72 -4.22
N ILE B 51 -29.68 -14.24 -3.28
CA ILE B 51 -30.25 -14.92 -2.11
C ILE B 51 -29.56 -14.38 -0.87
N PRO B 52 -30.04 -14.67 0.34
CA PRO B 52 -29.40 -14.12 1.54
C PRO B 52 -27.97 -14.59 1.69
N SER B 53 -27.11 -13.66 2.11
CA SER B 53 -25.77 -14.04 2.54
C SER B 53 -25.62 -13.49 3.96
N LEU B 54 -24.84 -12.42 4.19
CA LEU B 54 -24.80 -11.87 5.54
C LEU B 54 -26.14 -11.28 5.94
N ALA B 55 -26.85 -10.69 4.99
CA ALA B 55 -28.20 -10.19 5.23
C ALA B 55 -29.19 -11.35 5.14
N GLU B 56 -29.96 -11.58 6.22
CA GLU B 56 -30.98 -12.60 6.17
C GLU B 56 -32.28 -12.06 5.62
N ASP B 57 -32.41 -10.74 5.54
CA ASP B 57 -33.60 -10.09 5.00
C ASP B 57 -33.21 -8.68 4.58
N TRP B 58 -34.05 -8.09 3.74
CA TRP B 58 -33.83 -6.74 3.22
C TRP B 58 -35.15 -6.18 2.74
N THR B 59 -35.23 -4.86 2.72
CA THR B 59 -36.37 -4.14 2.16
CA THR B 59 -36.37 -4.15 2.16
C THR B 59 -35.89 -3.00 1.29
N VAL B 60 -36.76 -2.57 0.38
CA VAL B 60 -36.53 -1.37 -0.41
C VAL B 60 -37.77 -0.50 -0.25
N SER B 61 -37.55 0.80 -0.09
CA SER B 61 -38.64 1.74 0.06
C SER B 61 -39.44 1.83 -1.23
N GLN B 62 -40.69 2.29 -1.10
CA GLN B 62 -41.57 2.42 -2.25
C GLN B 62 -40.99 3.33 -3.34
N ASP B 63 -40.16 4.30 -2.97
CA ASP B 63 -39.59 5.20 -3.97
C ASP B 63 -38.32 4.66 -4.60
N GLY B 64 -37.86 3.49 -4.15
CA GLY B 64 -36.73 2.82 -4.75
C GLY B 64 -35.38 3.34 -4.32
N LEU B 65 -35.34 4.25 -3.35
CA LEU B 65 -34.08 4.91 -3.03
C LEU B 65 -33.41 4.36 -1.78
N THR B 66 -34.14 3.70 -0.90
CA THR B 66 -33.62 3.28 0.39
C THR B 66 -33.63 1.76 0.51
N TYR B 67 -32.45 1.16 0.65
CA TYR B 67 -32.31 -0.27 0.84
C TYR B 67 -31.84 -0.52 2.26
N THR B 68 -32.57 -1.37 2.98
CA THR B 68 -32.28 -1.67 4.38
C THR B 68 -32.02 -3.16 4.51
N TYR B 69 -30.92 -3.52 5.17
CA TYR B 69 -30.51 -4.91 5.27
C TYR B 69 -30.42 -5.34 6.73
N LYS B 70 -30.97 -6.52 7.03
CA LYS B 70 -30.97 -7.08 8.38
C LYS B 70 -29.89 -8.16 8.44
N LEU B 71 -28.81 -7.91 9.19
CA LEU B 71 -27.71 -8.86 9.26
C LEU B 71 -28.02 -9.99 10.25
N ARG B 72 -27.68 -11.22 9.87
CA ARG B 72 -27.91 -12.36 10.75
C ARG B 72 -26.96 -12.31 11.95
N LYS B 73 -27.44 -12.80 13.09
CA LYS B 73 -26.70 -12.66 14.33
C LYS B 73 -25.50 -13.58 14.45
N ASP B 74 -25.45 -14.68 13.71
CA ASP B 74 -24.39 -15.67 13.88
C ASP B 74 -23.25 -15.47 12.88
N ALA B 75 -23.25 -14.37 12.13
CA ALA B 75 -22.15 -14.07 11.24
C ALA B 75 -21.02 -13.42 12.05
N LYS B 76 -19.83 -14.00 11.97
CA LYS B 76 -18.69 -13.53 12.74
C LYS B 76 -17.50 -13.34 11.82
N TRP B 77 -16.58 -12.49 12.27
CA TRP B 77 -15.25 -12.41 11.66
C TRP B 77 -14.31 -13.39 12.33
N PHE B 78 -13.47 -14.04 11.54
CA PHE B 78 -12.46 -14.97 12.02
C PHE B 78 -11.08 -14.54 11.50
N THR B 79 -10.03 -14.88 12.27
CA THR B 79 -8.69 -14.75 11.73
C THR B 79 -8.41 -15.89 10.76
N SER B 80 -7.29 -15.79 10.06
CA SER B 80 -6.93 -16.83 9.10
C SER B 80 -6.66 -18.16 9.79
N GLU B 81 -6.40 -18.16 11.10
CA GLU B 81 -6.26 -19.40 11.84
C GLU B 81 -7.60 -19.99 12.25
N GLY B 82 -8.68 -19.24 12.12
CA GLY B 82 -10.00 -19.75 12.43
C GLY B 82 -10.56 -19.25 13.74
N GLU B 83 -9.82 -18.42 14.46
CA GLU B 83 -10.30 -17.97 15.74
C GLU B 83 -11.23 -16.77 15.56
N GLU B 84 -12.29 -16.75 16.36
CA GLU B 84 -13.27 -15.67 16.31
C GLU B 84 -12.62 -14.35 16.70
N TYR B 85 -12.80 -13.33 15.85
CA TYR B 85 -12.33 -11.97 16.13
C TYR B 85 -13.43 -11.09 16.74
N ALA B 86 -14.62 -11.06 16.10
CA ALA B 86 -15.75 -10.22 16.52
C ALA B 86 -16.95 -10.51 15.63
N PRO B 87 -18.16 -10.31 16.11
CA PRO B 87 -19.31 -10.49 15.22
C PRO B 87 -19.30 -9.44 14.12
N VAL B 88 -19.89 -9.80 12.98
CA VAL B 88 -20.12 -8.80 11.93
C VAL B 88 -21.21 -7.84 12.41
N THR B 89 -21.02 -6.55 12.15
CA THR B 89 -21.96 -5.51 12.55
C THR B 89 -22.27 -4.60 11.37
N ALA B 90 -23.39 -3.88 11.47
CA ALA B 90 -23.72 -2.94 10.40
C ALA B 90 -22.66 -1.87 10.24
N GLN B 91 -21.99 -1.49 11.32
CA GLN B 91 -20.93 -0.47 11.21
C GLN B 91 -19.83 -0.91 10.26
N ASP B 92 -19.66 -2.23 10.09
CA ASP B 92 -18.60 -2.73 9.20
C ASP B 92 -18.84 -2.33 7.74
N PHE B 93 -20.09 -2.13 7.35
CA PHE B 93 -20.38 -1.65 6.01
C PHE B 93 -20.17 -0.14 5.87
N VAL B 94 -20.39 0.61 6.95
CA VAL B 94 -20.04 2.02 6.95
C VAL B 94 -18.52 2.17 6.88
N THR B 95 -17.82 1.33 7.64
CA THR B 95 -16.35 1.34 7.61
C THR B 95 -15.85 1.02 6.21
N GLY B 96 -16.40 -0.02 5.60
CA GLY B 96 -15.89 -0.46 4.31
C GLY B 96 -16.05 0.60 3.23
N LEU B 97 -17.20 1.26 3.20
CA LEU B 97 -17.42 2.22 2.13
C LEU B 97 -16.58 3.47 2.35
N GLN B 98 -16.42 3.94 3.60
CA GLN B 98 -15.53 5.10 3.80
C GLN B 98 -14.09 4.73 3.45
N TYR B 99 -13.66 3.50 3.80
CA TYR B 99 -12.31 3.06 3.44
C TYR B 99 -12.11 3.04 1.93
N ALA B 100 -13.07 2.47 1.20
CA ALA B 100 -12.98 2.44 -0.27
C ALA B 100 -12.94 3.85 -0.84
N ALA B 101 -13.69 4.78 -0.26
CA ALA B 101 -13.65 6.17 -0.70
C ALA B 101 -12.30 6.80 -0.41
N ASP B 102 -11.82 6.65 0.83
CA ASP B 102 -10.57 7.30 1.24
C ASP B 102 -9.35 6.71 0.55
N LYS B 103 -9.40 5.43 0.17
CA LYS B 103 -8.28 4.83 -0.55
C LYS B 103 -8.39 5.01 -2.05
N LYS B 104 -9.47 5.61 -2.54
CA LYS B 104 -9.68 5.84 -3.97
C LYS B 104 -9.75 4.52 -4.72
N SER B 105 -10.55 3.59 -4.17
CA SER B 105 -10.73 2.26 -4.76
C SER B 105 -10.91 2.32 -6.26
N GLU B 106 -10.24 1.40 -6.95
CA GLU B 106 -10.37 1.32 -8.39
C GLU B 106 -11.76 0.89 -8.82
N ALA B 107 -12.62 0.46 -7.89
CA ALA B 107 -13.98 0.06 -8.22
C ALA B 107 -15.02 1.09 -7.79
N LEU B 108 -14.60 2.32 -7.48
CA LEU B 108 -15.54 3.30 -6.96
C LEU B 108 -16.70 3.59 -7.94
N TYR B 109 -16.52 3.31 -9.24
CA TYR B 109 -17.61 3.62 -10.18
C TYR B 109 -18.87 2.83 -9.84
N LEU B 110 -18.74 1.73 -9.09
CA LEU B 110 -19.92 0.95 -8.71
C LEU B 110 -20.84 1.70 -7.77
N VAL B 111 -20.32 2.69 -7.03
CA VAL B 111 -21.08 3.31 -5.94
C VAL B 111 -21.02 4.84 -5.98
N GLN B 112 -19.94 5.41 -6.54
CA GLN B 112 -19.72 6.85 -6.44
C GLN B 112 -20.90 7.67 -6.98
N ASP B 113 -21.50 7.23 -8.09
CA ASP B 113 -22.62 7.95 -8.69
C ASP B 113 -23.97 7.39 -8.28
N SER B 114 -23.98 6.44 -7.34
CA SER B 114 -25.20 5.78 -6.92
C SER B 114 -25.60 6.13 -5.50
N VAL B 115 -24.67 6.02 -4.57
CA VAL B 115 -24.94 6.29 -3.17
C VAL B 115 -24.98 7.80 -2.94
N ALA B 116 -26.06 8.27 -2.30
CA ALA B 116 -26.21 9.71 -2.05
C ALA B 116 -24.98 10.29 -1.36
N GLY B 117 -24.55 11.47 -1.83
CA GLY B 117 -23.42 12.19 -1.26
C GLY B 117 -22.04 11.60 -1.50
N LEU B 118 -21.93 10.41 -2.09
CA LEU B 118 -20.61 9.78 -2.18
C LEU B 118 -19.73 10.50 -3.18
N ASP B 119 -20.29 10.95 -4.30
CA ASP B 119 -19.47 11.68 -5.26
C ASP B 119 -18.92 12.98 -4.66
N ASP B 120 -19.73 13.73 -3.88
CA ASP B 120 -19.24 14.95 -3.24
C ASP B 120 -18.10 14.63 -2.28
N TYR B 121 -18.23 13.53 -1.53
CA TYR B 121 -17.19 13.20 -0.55
C TYR B 121 -15.89 12.81 -1.25
N ILE B 122 -15.99 12.03 -2.31
CA ILE B 122 -14.80 11.54 -3.02
C ILE B 122 -14.06 12.70 -3.71
N THR B 123 -14.80 13.62 -4.31
CA THR B 123 -14.18 14.74 -5.04
C THR B 123 -13.85 15.93 -4.17
N GLY B 124 -14.04 15.84 -2.85
CA GLY B 124 -13.68 16.94 -1.99
C GLY B 124 -14.66 18.09 -1.91
N LYS B 125 -15.87 17.93 -2.48
CA LYS B 125 -16.91 18.94 -2.29
C LYS B 125 -17.35 19.01 -0.84
N THR B 126 -17.35 17.87 -0.15
CA THR B 126 -17.68 17.75 1.27
C THR B 126 -16.54 17.03 1.96
N SER B 127 -16.48 17.14 3.30
CA SER B 127 -15.43 16.48 4.05
C SER B 127 -15.95 15.48 5.08
N ASP B 128 -17.26 15.33 5.23
CA ASP B 128 -17.81 14.56 6.34
C ASP B 128 -18.52 13.34 5.77
N PHE B 129 -18.07 12.16 6.18
CA PHE B 129 -18.68 10.94 5.64
C PHE B 129 -20.10 10.73 6.16
N SER B 130 -20.50 11.46 7.20
CA SER B 130 -21.90 11.50 7.62
C SER B 130 -22.83 11.93 6.50
N THR B 131 -22.35 12.74 5.54
CA THR B 131 -23.21 13.15 4.43
C THR B 131 -23.37 12.08 3.34
N VAL B 132 -22.75 10.92 3.50
CA VAL B 132 -22.83 9.84 2.53
C VAL B 132 -23.92 8.88 2.97
N GLY B 133 -24.71 8.40 2.01
CA GLY B 133 -25.87 7.55 2.26
C GLY B 133 -25.64 6.10 2.65
N VAL B 134 -24.84 5.86 3.69
CA VAL B 134 -24.77 4.55 4.33
C VAL B 134 -24.80 4.78 5.83
N LYS B 135 -25.60 3.98 6.54
CA LYS B 135 -25.86 4.23 7.95
C LYS B 135 -26.16 2.93 8.67
N ALA B 136 -25.55 2.75 9.84
CA ALA B 136 -25.88 1.63 10.72
C ALA B 136 -26.99 2.11 11.64
N LEU B 137 -28.21 1.63 11.42
CA LEU B 137 -29.32 2.05 12.26
C LEU B 137 -29.24 1.41 13.64
N ASP B 138 -28.72 0.19 13.69
CA ASP B 138 -28.28 -0.48 14.91
C ASP B 138 -27.26 -1.53 14.48
N ASP B 139 -26.84 -2.38 15.42
CA ASP B 139 -25.75 -3.30 15.12
C ASP B 139 -26.09 -4.31 14.03
N GLN B 140 -27.37 -4.60 13.81
CA GLN B 140 -27.75 -5.59 12.79
C GLN B 140 -28.39 -4.96 11.57
N THR B 141 -28.46 -3.64 11.46
CA THR B 141 -29.25 -3.03 10.41
C THR B 141 -28.45 -1.95 9.70
N VAL B 142 -28.15 -2.16 8.42
CA VAL B 142 -27.47 -1.15 7.62
C VAL B 142 -28.41 -0.63 6.55
N GLN B 143 -28.36 0.67 6.31
CA GLN B 143 -29.25 1.31 5.35
C GLN B 143 -28.44 2.11 4.34
N TYR B 144 -28.73 1.91 3.05
CA TYR B 144 -28.12 2.65 1.97
C TYR B 144 -29.18 3.52 1.31
N THR B 145 -28.81 4.76 1.00
CA THR B 145 -29.71 5.69 0.32
C THR B 145 -29.09 6.06 -1.02
N LEU B 146 -29.86 5.89 -2.09
CA LEU B 146 -29.39 6.14 -3.44
C LEU B 146 -29.90 7.46 -4.00
N VAL B 147 -29.22 7.95 -5.03
CA VAL B 147 -29.63 9.17 -5.69
C VAL B 147 -30.83 8.95 -6.61
N LYS B 148 -30.86 7.80 -7.29
CA LYS B 148 -31.87 7.40 -8.25
C LYS B 148 -32.10 5.90 -8.07
N PRO B 149 -33.31 5.41 -8.35
CA PRO B 149 -33.55 3.97 -8.19
C PRO B 149 -32.64 3.16 -9.11
N GLU B 150 -32.26 1.98 -8.63
CA GLU B 150 -31.47 1.05 -9.42
C GLU B 150 -32.03 -0.34 -9.16
N LEU B 151 -32.77 -0.88 -10.13
CA LEU B 151 -33.25 -2.24 -9.97
C LEU B 151 -32.10 -3.24 -9.81
N TYR B 152 -30.91 -2.90 -10.29
CA TYR B 152 -29.71 -3.74 -10.22
C TYR B 152 -28.86 -3.46 -8.99
N TRP B 153 -29.35 -2.63 -8.07
CA TRP B 153 -28.58 -2.31 -6.87
C TRP B 153 -28.22 -3.57 -6.08
N ASN B 154 -29.20 -4.41 -5.78
CA ASN B 154 -28.89 -5.61 -4.99
C ASN B 154 -27.82 -6.46 -5.65
N SER B 155 -27.81 -6.53 -6.99
CA SER B 155 -26.77 -7.32 -7.64
C SER B 155 -25.39 -6.72 -7.42
N LYS B 156 -25.30 -5.38 -7.23
CA LYS B 156 -24.02 -4.76 -6.91
C LYS B 156 -23.46 -5.23 -5.57
N THR B 157 -24.31 -5.75 -4.67
CA THR B 157 -23.78 -6.15 -3.36
C THR B 157 -22.96 -7.42 -3.45
N LEU B 158 -22.94 -8.08 -4.60
CA LEU B 158 -22.08 -9.21 -4.86
C LEU B 158 -20.72 -8.79 -5.39
N ALA B 159 -20.45 -7.49 -5.49
CA ALA B 159 -19.14 -6.94 -5.82
C ALA B 159 -18.39 -6.56 -4.54
N THR B 160 -17.06 -6.78 -4.52
CA THR B 160 -16.35 -6.73 -3.25
C THR B 160 -16.26 -5.32 -2.64
N ILE B 161 -16.46 -4.25 -3.42
CA ILE B 161 -16.37 -2.92 -2.85
C ILE B 161 -17.50 -2.69 -1.83
N LEU B 162 -18.55 -3.51 -1.88
CA LEU B 162 -19.65 -3.43 -0.94
C LEU B 162 -19.57 -4.48 0.16
N PHE B 163 -18.43 -5.05 0.37
CA PHE B 163 -18.23 -6.00 1.44
C PHE B 163 -17.80 -5.28 2.73
N PRO B 164 -18.09 -5.87 3.88
CA PRO B 164 -17.78 -5.20 5.15
C PRO B 164 -16.32 -5.36 5.55
N VAL B 165 -15.88 -4.52 6.49
CA VAL B 165 -14.57 -4.68 7.13
C VAL B 165 -14.68 -4.15 8.56
N ASN B 166 -14.02 -4.85 9.49
CA ASN B 166 -14.02 -4.48 10.90
C ASN B 166 -13.05 -3.31 11.14
N ALA B 167 -13.56 -2.21 11.71
CA ALA B 167 -12.75 -1.00 11.84
C ALA B 167 -11.56 -1.19 12.77
N ASP B 168 -11.70 -1.97 13.85
CA ASP B 168 -10.58 -2.14 14.77
C ASP B 168 -9.43 -2.89 14.10
N PHE B 169 -9.74 -3.96 13.35
CA PHE B 169 -8.73 -4.71 12.62
C PHE B 169 -8.07 -3.83 11.57
N LEU B 170 -8.88 -3.15 10.78
CA LEU B 170 -8.37 -2.22 9.77
C LEU B 170 -7.43 -1.19 10.38
N LYS B 171 -7.83 -0.57 11.49
CA LYS B 171 -6.93 0.40 12.11
C LYS B 171 -5.67 -0.28 12.63
N SER B 172 -5.78 -1.52 13.13
CA SER B 172 -4.62 -2.18 13.69
C SER B 172 -3.58 -2.52 12.63
N LYS B 173 -4.05 -2.77 11.41
CA LYS B 173 -3.19 -3.20 10.31
C LYS B 173 -2.58 -2.03 9.55
N GLY B 174 -3.25 -0.89 9.51
CA GLY B 174 -2.71 0.24 8.75
C GLY B 174 -2.41 -0.18 7.31
N ASP B 175 -1.22 0.19 6.83
CA ASP B 175 -0.83 -0.16 5.46
C ASP B 175 -0.53 -1.64 5.29
N ASP B 176 -0.53 -2.44 6.36
CA ASP B 176 -0.43 -3.89 6.19
C ASP B 176 -1.77 -4.53 5.84
N PHE B 177 -2.87 -3.79 5.88
CA PHE B 177 -4.16 -4.35 5.53
C PHE B 177 -4.20 -4.78 4.06
N GLY B 178 -4.70 -5.99 3.83
CA GLY B 178 -4.95 -6.44 2.47
C GLY B 178 -3.71 -6.72 1.64
N LYS B 179 -2.55 -6.85 2.26
CA LYS B 179 -1.38 -7.35 1.53
C LYS B 179 -1.61 -8.79 1.11
N ALA B 180 -0.71 -9.31 0.25
CA ALA B 180 -0.85 -10.70 -0.23
C ALA B 180 -0.27 -11.66 0.81
N ASP B 181 -1.03 -11.84 1.87
CA ASP B 181 -0.62 -12.52 3.09
C ASP B 181 -1.92 -12.91 3.76
N PRO B 182 -2.16 -14.18 4.08
CA PRO B 182 -3.47 -14.55 4.62
C PRO B 182 -3.85 -13.80 5.88
N SER B 183 -2.88 -13.34 6.66
CA SER B 183 -3.14 -12.64 7.91
C SER B 183 -3.49 -11.17 7.72
N SER B 184 -3.56 -10.68 6.49
CA SER B 184 -3.76 -9.26 6.22
C SER B 184 -5.22 -8.86 6.19
N ILE B 185 -6.15 -9.82 6.25
CA ILE B 185 -7.59 -9.57 6.22
C ILE B 185 -8.24 -10.50 7.24
N LEU B 186 -9.49 -10.19 7.58
CA LEU B 186 -10.32 -11.10 8.36
C LEU B 186 -11.30 -11.82 7.45
N TYR B 187 -11.81 -12.95 7.95
CA TYR B 187 -12.56 -13.91 7.18
C TYR B 187 -13.98 -13.99 7.75
N ASN B 188 -14.98 -13.85 6.90
CA ASN B 188 -16.34 -14.22 7.33
C ASN B 188 -17.06 -15.10 6.32
N GLY B 189 -16.34 -15.62 5.33
CA GLY B 189 -16.93 -16.44 4.29
C GLY B 189 -16.74 -17.92 4.49
N PRO B 190 -16.94 -18.70 3.42
CA PRO B 190 -16.94 -20.16 3.55
C PRO B 190 -15.60 -20.77 3.91
N PHE B 191 -14.50 -20.13 3.52
CA PHE B 191 -13.17 -20.70 3.70
C PHE B 191 -12.26 -19.76 4.49
N LEU B 192 -11.24 -20.37 5.08
CA LEU B 192 -10.03 -19.73 5.55
C LEU B 192 -8.91 -19.98 4.53
N MET B 193 -8.00 -19.02 4.38
CA MET B 193 -6.88 -19.22 3.47
C MET B 193 -5.68 -19.65 4.28
N LYS B 194 -5.19 -20.87 4.00
CA LYS B 194 -4.11 -21.42 4.80
C LYS B 194 -2.76 -21.26 4.13
N ALA B 195 -2.73 -21.04 2.81
CA ALA B 195 -1.47 -20.85 2.11
C ALA B 195 -1.70 -19.91 0.93
N LEU B 196 -0.81 -18.93 0.78
CA LEU B 196 -0.80 -18.04 -0.38
C LEU B 196 0.68 -17.85 -0.71
N VAL B 197 1.19 -18.62 -1.67
CA VAL B 197 2.61 -18.60 -2.03
C VAL B 197 2.74 -18.18 -3.48
N SER B 198 3.41 -17.04 -3.71
CA SER B 198 3.54 -16.51 -5.06
C SER B 198 4.16 -17.54 -6.00
N LYS B 199 3.60 -17.63 -7.21
CA LYS B 199 4.06 -18.57 -8.23
C LYS B 199 4.14 -20.00 -7.71
N SER B 200 3.23 -20.37 -6.78
CA SER B 200 3.32 -21.72 -6.24
C SER B 200 1.94 -22.29 -5.85
N ALA B 201 1.21 -21.63 -4.95
CA ALA B 201 0.02 -22.31 -4.45
C ALA B 201 -0.91 -21.35 -3.73
N ILE B 202 -2.21 -21.64 -3.85
CA ILE B 202 -3.26 -21.06 -3.02
C ILE B 202 -4.02 -22.22 -2.39
N GLU B 203 -4.16 -22.19 -1.06
CA GLU B 203 -4.84 -23.27 -0.35
C GLU B 203 -5.93 -22.71 0.54
N TYR B 204 -7.12 -23.31 0.45
CA TYR B 204 -8.25 -22.96 1.30
C TYR B 204 -8.61 -24.13 2.19
N LYS B 205 -9.10 -23.83 3.39
CA LYS B 205 -9.66 -24.82 4.30
C LYS B 205 -11.07 -24.39 4.68
N LYS B 206 -12.03 -25.31 4.63
CA LYS B 206 -13.38 -24.98 5.08
C LYS B 206 -13.35 -24.44 6.50
N ASN B 207 -14.04 -23.31 6.71
CA ASN B 207 -14.23 -22.73 8.04
C ASN B 207 -15.40 -23.44 8.74
N PRO B 208 -15.13 -24.27 9.75
CA PRO B 208 -16.21 -25.06 10.35
C PRO B 208 -17.21 -24.23 11.11
N ASN B 209 -16.91 -22.97 11.42
CA ASN B 209 -17.82 -22.10 12.16
C ASN B 209 -18.45 -21.03 11.28
N TYR B 210 -18.30 -21.14 9.96
CA TYR B 210 -19.02 -20.27 9.05
C TYR B 210 -20.52 -20.46 9.22
N TRP B 211 -21.26 -19.34 9.17
CA TRP B 211 -22.71 -19.39 9.40
C TRP B 211 -23.40 -20.35 8.43
N ASP B 212 -22.85 -20.56 7.24
CA ASP B 212 -23.44 -21.47 6.26
C ASP B 212 -22.51 -22.63 5.95
N ALA B 213 -21.78 -23.11 6.98
CA ALA B 213 -20.87 -24.24 6.79
C ALA B 213 -21.58 -25.46 6.20
N LYS B 214 -22.90 -25.59 6.43
CA LYS B 214 -23.62 -26.75 5.90
C LYS B 214 -23.61 -26.78 4.37
N ASN B 215 -23.32 -25.66 3.72
CA ASN B 215 -23.32 -25.57 2.26
C ASN B 215 -21.90 -25.58 1.68
N VAL B 216 -20.92 -25.92 2.50
CA VAL B 216 -19.56 -26.10 2.02
C VAL B 216 -19.26 -27.58 2.08
N PHE B 217 -19.02 -28.18 0.90
CA PHE B 217 -18.94 -29.63 0.75
C PHE B 217 -17.54 -30.13 0.43
N VAL B 218 -16.56 -29.23 0.26
CA VAL B 218 -15.15 -29.60 0.22
C VAL B 218 -14.46 -29.03 1.44
N ASP B 219 -13.64 -29.86 2.09
CA ASP B 219 -12.90 -29.44 3.28
C ASP B 219 -11.61 -28.73 2.95
N ASP B 220 -11.06 -28.96 1.76
CA ASP B 220 -9.80 -28.39 1.32
C ASP B 220 -9.89 -28.12 -0.17
N VAL B 221 -9.34 -26.96 -0.58
CA VAL B 221 -9.14 -26.61 -1.97
C VAL B 221 -7.67 -26.26 -2.14
N LYS B 222 -7.01 -26.92 -3.09
CA LYS B 222 -5.59 -26.68 -3.37
C LYS B 222 -5.46 -26.27 -4.82
N LEU B 223 -4.88 -25.10 -5.07
CA LEU B 223 -4.66 -24.61 -6.42
C LEU B 223 -3.16 -24.49 -6.67
N THR B 224 -2.65 -25.24 -7.64
CA THR B 224 -1.24 -25.21 -8.01
C THR B 224 -1.01 -24.15 -9.08
N TYR B 225 0.13 -23.49 -9.01
CA TYR B 225 0.41 -22.44 -9.98
C TYR B 225 0.67 -23.04 -11.35
N TYR B 226 0.08 -22.42 -12.37
CA TYR B 226 0.12 -22.86 -13.77
C TYR B 226 0.59 -21.70 -14.63
N ASP B 227 1.79 -21.82 -15.22
CA ASP B 227 2.34 -20.71 -15.99
C ASP B 227 2.13 -20.85 -17.50
N GLY B 228 1.46 -21.91 -17.95
CA GLY B 228 1.18 -22.09 -19.36
C GLY B 228 2.23 -22.86 -20.13
N SER B 229 3.31 -23.28 -19.48
CA SER B 229 4.39 -23.98 -20.17
C SER B 229 4.18 -25.48 -20.26
N ASP B 230 3.29 -26.04 -19.45
CA ASP B 230 3.06 -27.49 -19.43
C ASP B 230 1.55 -27.74 -19.51
N GLN B 231 0.96 -27.40 -20.66
CA GLN B 231 -0.49 -27.52 -20.82
C GLN B 231 -0.96 -28.95 -20.62
N GLU B 232 -0.11 -29.94 -20.96
CA GLU B 232 -0.49 -31.35 -20.78
C GLU B 232 -0.59 -31.74 -19.31
N SER B 233 -0.04 -30.93 -18.40
CA SER B 233 -0.05 -31.30 -16.99
C SER B 233 -1.46 -31.34 -16.42
N LEU B 234 -2.40 -30.59 -17.02
CA LEU B 234 -3.75 -30.58 -16.47
C LEU B 234 -4.38 -31.97 -16.60
N GLU B 235 -4.40 -32.54 -17.82
CA GLU B 235 -4.92 -33.89 -17.98
C GLU B 235 -4.08 -34.92 -17.24
N ARG B 236 -2.75 -34.77 -17.27
CA ARG B 236 -1.88 -35.73 -16.60
C ARG B 236 -2.21 -35.81 -15.11
N ASN B 237 -2.38 -34.65 -14.46
CA ASN B 237 -2.68 -34.69 -13.03
C ASN B 237 -4.11 -35.16 -12.78
N PHE B 238 -5.05 -34.82 -13.67
CA PHE B 238 -6.40 -35.37 -13.55
C PHE B 238 -6.40 -36.90 -13.62
N THR B 239 -5.74 -37.46 -14.64
CA THR B 239 -5.70 -38.92 -14.79
C THR B 239 -5.03 -39.59 -13.61
N ALA B 240 -4.02 -38.95 -13.01
CA ALA B 240 -3.36 -39.54 -11.84
C ALA B 240 -4.24 -39.50 -10.61
N GLY B 241 -5.39 -38.82 -10.68
CA GLY B 241 -6.22 -38.60 -9.52
C GLY B 241 -5.83 -37.42 -8.66
N ALA B 242 -4.88 -36.59 -9.12
CA ALA B 242 -4.44 -35.46 -8.32
C ALA B 242 -5.32 -34.22 -8.53
N TYR B 243 -5.79 -33.97 -9.76
CA TYR B 243 -6.70 -32.87 -10.04
C TYR B 243 -8.13 -33.38 -10.20
N THR B 244 -9.08 -32.55 -9.78
CA THR B 244 -10.49 -32.86 -9.86
C THR B 244 -11.07 -32.60 -11.24
N THR B 245 -10.38 -31.81 -12.04
CA THR B 245 -10.87 -31.47 -13.35
C THR B 245 -9.64 -31.21 -14.22
N ALA B 246 -9.85 -31.12 -15.53
CA ALA B 246 -8.75 -30.74 -16.41
C ALA B 246 -9.30 -30.11 -17.67
N ARG B 247 -8.77 -28.94 -18.03
CA ARG B 247 -9.00 -28.38 -19.35
CA ARG B 247 -9.01 -28.38 -19.35
C ARG B 247 -8.17 -29.12 -20.39
N LEU B 248 -8.79 -29.42 -21.53
CA LEU B 248 -8.13 -30.18 -22.58
C LEU B 248 -7.74 -29.27 -23.73
N PHE B 249 -6.61 -29.60 -24.38
CA PHE B 249 -6.10 -28.79 -25.48
C PHE B 249 -6.01 -29.64 -26.75
N PRO B 250 -6.98 -29.55 -27.65
CA PRO B 250 -7.01 -30.50 -28.80
C PRO B 250 -5.78 -30.43 -29.69
N ASN B 251 -4.99 -29.35 -29.62
CA ASN B 251 -3.77 -29.27 -30.42
C ASN B 251 -2.58 -29.97 -29.77
N SER B 252 -2.71 -30.48 -28.56
CA SER B 252 -1.65 -31.22 -27.91
C SER B 252 -1.29 -32.48 -28.68
N SER B 253 -0.08 -32.97 -28.43
CA SER B 253 0.39 -34.24 -29.04
C SER B 253 -0.27 -35.43 -28.32
N SER B 254 -0.85 -35.19 -27.14
CA SER B 254 -1.52 -36.26 -26.41
C SER B 254 -3.01 -36.33 -26.66
N TYR B 255 -3.58 -35.38 -27.40
CA TYR B 255 -5.03 -35.30 -27.49
C TYR B 255 -5.61 -36.53 -28.18
N GLU B 256 -4.91 -37.09 -29.16
CA GLU B 256 -5.43 -38.30 -29.79
C GLU B 256 -5.51 -39.45 -28.78
N GLY B 257 -4.51 -39.58 -27.91
CA GLY B 257 -4.58 -40.60 -26.86
C GLY B 257 -5.63 -40.27 -25.81
N ILE B 258 -5.75 -38.99 -25.46
CA ILE B 258 -6.75 -38.56 -24.49
C ILE B 258 -8.15 -38.78 -25.03
N LYS B 259 -8.35 -38.45 -26.31
CA LYS B 259 -9.67 -38.54 -26.92
C LYS B 259 -10.20 -39.97 -26.88
N GLU B 260 -9.33 -40.97 -27.08
CA GLU B 260 -9.80 -42.36 -27.06
C GLU B 260 -10.11 -42.83 -25.63
N LYS B 261 -9.16 -42.63 -24.72
CA LYS B 261 -9.37 -43.01 -23.32
C LYS B 261 -10.61 -42.35 -22.72
N TYR B 262 -10.91 -41.14 -23.15
CA TYR B 262 -11.96 -40.33 -22.54
C TYR B 262 -13.06 -40.00 -23.54
N LYS B 263 -13.28 -40.87 -24.55
CA LYS B 263 -14.19 -40.51 -25.63
C LYS B 263 -15.62 -40.30 -25.13
N ASN B 264 -15.98 -40.85 -23.99
CA ASN B 264 -17.32 -40.63 -23.43
C ASN B 264 -17.30 -39.67 -22.25
N ASN B 265 -16.23 -38.89 -22.07
CA ASN B 265 -16.16 -38.01 -20.91
C ASN B 265 -15.86 -36.56 -21.25
N ILE B 266 -15.61 -36.21 -22.51
CA ILE B 266 -15.25 -34.83 -22.81
C ILE B 266 -16.48 -33.95 -22.72
N ILE B 267 -16.40 -32.89 -21.92
CA ILE B 267 -17.53 -32.00 -21.65
C ILE B 267 -17.15 -30.61 -22.13
N TYR B 268 -18.06 -29.98 -22.88
CA TYR B 268 -17.87 -28.59 -23.30
C TYR B 268 -18.75 -27.68 -22.45
N SER B 269 -18.14 -26.66 -21.85
CA SER B 269 -18.87 -25.71 -21.03
C SER B 269 -19.59 -24.71 -21.93
N MET B 270 -20.57 -24.01 -21.37
CA MET B 270 -21.24 -22.95 -22.11
C MET B 270 -20.42 -21.67 -22.04
N GLN B 271 -20.53 -20.85 -23.08
CA GLN B 271 -19.93 -19.51 -23.01
C GLN B 271 -20.59 -18.68 -21.91
N ASN B 272 -19.80 -17.90 -21.17
CA ASN B 272 -20.36 -17.14 -20.06
C ASN B 272 -20.22 -15.64 -20.32
N SER B 273 -20.53 -14.87 -19.28
CA SER B 273 -20.73 -13.44 -19.44
C SER B 273 -19.43 -12.66 -19.40
N THR B 274 -18.28 -13.32 -19.23
CA THR B 274 -17.00 -12.62 -19.28
C THR B 274 -16.60 -12.41 -20.73
N SER B 275 -16.37 -11.16 -21.14
CA SER B 275 -16.06 -10.84 -22.54
C SER B 275 -14.66 -10.27 -22.69
N TYR B 276 -13.91 -10.81 -23.64
CA TYR B 276 -12.61 -10.30 -24.01
C TYR B 276 -12.67 -9.54 -25.33
N PHE B 277 -11.68 -8.67 -25.53
CA PHE B 277 -11.58 -7.88 -26.74
C PHE B 277 -10.17 -7.33 -26.82
N PHE B 278 -9.72 -7.04 -28.04
CA PHE B 278 -8.46 -6.31 -28.20
C PHE B 278 -8.74 -4.82 -28.15
N ASN B 279 -7.79 -4.06 -27.60
CA ASN B 279 -7.88 -2.60 -27.71
C ASN B 279 -6.52 -2.05 -28.07
N PHE B 280 -6.50 -0.77 -28.47
CA PHE B 280 -5.28 -0.06 -28.78
C PHE B 280 -4.87 0.83 -27.64
N ASN B 281 -3.56 1.08 -27.53
CA ASN B 281 -3.03 2.07 -26.60
C ASN B 281 -3.09 3.42 -27.31
N LEU B 282 -3.98 4.30 -26.85
CA LEU B 282 -4.25 5.56 -27.57
C LEU B 282 -3.30 6.66 -27.19
N ASP B 283 -2.45 6.47 -26.18
CA ASP B 283 -1.55 7.53 -25.74
C ASP B 283 -0.33 6.87 -25.09
N ARG B 284 0.47 6.19 -25.90
CA ARG B 284 1.54 5.37 -25.35
C ARG B 284 2.72 6.22 -24.87
N LYS B 285 3.22 5.88 -23.68
CA LYS B 285 4.33 6.62 -23.05
C LYS B 285 5.55 5.76 -22.74
N SER B 286 5.39 4.45 -22.57
CA SER B 286 6.51 3.58 -22.23
CA SER B 286 6.51 3.58 -22.22
C SER B 286 6.87 2.71 -23.42
N TYR B 287 8.15 2.69 -23.78
CA TYR B 287 8.64 1.95 -24.94
C TYR B 287 9.82 1.01 -24.58
N ASN B 288 9.75 0.35 -23.43
CA ASN B 288 10.78 -0.63 -23.10
C ASN B 288 10.63 -1.90 -23.91
N TYR B 289 9.42 -2.18 -24.38
CA TYR B 289 9.13 -3.43 -25.09
C TYR B 289 8.61 -3.08 -26.48
N THR B 290 9.54 -2.87 -27.41
CA THR B 290 9.15 -2.42 -28.74
C THR B 290 10.21 -2.88 -29.73
N SER B 291 9.81 -2.96 -30.99
CA SER B 291 10.74 -3.13 -32.09
C SER B 291 10.98 -1.81 -32.81
N LYS B 292 10.20 -0.79 -32.50
CA LYS B 292 10.41 0.51 -33.10
C LYS B 292 11.66 1.15 -32.53
N THR B 293 12.44 1.82 -33.39
CA THR B 293 13.69 2.45 -32.98
C THR B 293 13.75 3.94 -33.26
N SER B 294 12.77 4.52 -33.94
CA SER B 294 12.84 5.90 -34.40
C SER B 294 11.56 6.65 -34.01
N ASP B 295 11.67 7.98 -33.98
CA ASP B 295 10.50 8.80 -33.63
C ASP B 295 9.40 8.67 -34.67
N ILE B 296 9.76 8.60 -35.97
CA ILE B 296 8.73 8.54 -37.01
C ILE B 296 7.90 7.26 -36.88
N GLU B 297 8.54 6.14 -36.52
CA GLU B 297 7.78 4.91 -36.30
C GLU B 297 6.84 5.05 -35.12
N LYS B 298 7.30 5.67 -34.03
CA LYS B 298 6.44 5.81 -32.85
C LYS B 298 5.32 6.79 -33.10
N LYS B 299 5.63 7.93 -33.74
CA LYS B 299 4.59 8.89 -34.10
C LYS B 299 3.59 8.29 -35.09
N SER B 300 4.08 7.50 -36.04
CA SER B 300 3.17 6.91 -37.02
C SER B 300 2.18 5.96 -36.35
N THR B 301 2.67 5.14 -35.41
CA THR B 301 1.75 4.27 -34.69
C THR B 301 0.80 5.08 -33.81
N GLN B 302 1.29 6.13 -33.15
CA GLN B 302 0.42 6.97 -32.33
C GLN B 302 -0.71 7.56 -33.17
N GLU B 303 -0.40 8.01 -34.39
CA GLU B 303 -1.42 8.55 -35.28
C GLU B 303 -2.38 7.47 -35.78
N ALA B 304 -1.84 6.30 -36.17
CA ALA B 304 -2.69 5.29 -36.78
C ALA B 304 -3.79 4.84 -35.83
N VAL B 305 -3.46 4.67 -34.54
CA VAL B 305 -4.44 4.12 -33.61
C VAL B 305 -5.58 5.09 -33.35
N LEU B 306 -5.38 6.38 -33.59
CA LEU B 306 -6.45 7.36 -33.48
C LEU B 306 -7.32 7.45 -34.73
N ASN B 307 -6.95 6.75 -35.80
CA ASN B 307 -7.70 6.81 -37.04
C ASN B 307 -8.74 5.70 -37.06
N LYS B 308 -10.01 6.07 -37.24
CA LYS B 308 -11.10 5.10 -37.17
C LYS B 308 -11.03 4.09 -38.32
N ASN B 309 -10.71 4.55 -39.54
CA ASN B 309 -10.57 3.63 -40.65
C ASN B 309 -9.45 2.64 -40.40
N PHE B 310 -8.37 3.09 -39.76
CA PHE B 310 -7.26 2.19 -39.46
C PHE B 310 -7.70 1.08 -38.51
N ARG B 311 -8.38 1.45 -37.42
CA ARG B 311 -8.83 0.45 -36.46
C ARG B 311 -9.86 -0.49 -37.09
N GLN B 312 -10.76 0.05 -37.91
CA GLN B 312 -11.74 -0.79 -38.58
C GLN B 312 -11.07 -1.78 -39.52
N ALA B 313 -9.97 -1.36 -40.17
CA ALA B 313 -9.25 -2.27 -41.04
C ALA B 313 -8.63 -3.42 -40.26
N ILE B 314 -8.02 -3.12 -39.10
CA ILE B 314 -7.51 -4.17 -38.24
C ILE B 314 -8.65 -5.10 -37.83
N ASN B 315 -9.79 -4.52 -37.46
CA ASN B 315 -10.96 -5.31 -37.05
C ASN B 315 -11.35 -6.32 -38.13
N PHE B 316 -11.55 -5.84 -39.36
CA PHE B 316 -11.98 -6.72 -40.43
C PHE B 316 -10.89 -7.68 -40.89
N ALA B 317 -9.63 -7.43 -40.57
CA ALA B 317 -8.53 -8.30 -40.95
C ALA B 317 -8.21 -9.36 -39.90
N PHE B 318 -8.85 -9.28 -38.74
CA PHE B 318 -8.58 -10.17 -37.61
C PHE B 318 -9.46 -11.42 -37.73
N ASP B 319 -8.83 -12.55 -38.04
CA ASP B 319 -9.50 -13.83 -38.25
C ASP B 319 -9.68 -14.50 -36.89
N ARG B 320 -10.87 -14.36 -36.32
CA ARG B 320 -11.17 -14.92 -35.01
C ARG B 320 -11.23 -16.43 -35.02
N THR B 321 -11.63 -17.04 -36.16
CA THR B 321 -11.66 -18.50 -36.24
C THR B 321 -10.25 -19.05 -36.12
N SER B 322 -9.31 -18.49 -36.91
CA SER B 322 -7.90 -18.87 -36.80
C SER B 322 -7.39 -18.69 -35.37
N TYR B 323 -7.72 -17.56 -34.74
CA TYR B 323 -7.30 -17.31 -33.37
C TYR B 323 -7.83 -18.38 -32.42
N GLY B 324 -9.13 -18.64 -32.49
CA GLY B 324 -9.74 -19.61 -31.58
C GLY B 324 -9.22 -21.01 -31.78
N ALA B 325 -8.82 -21.35 -33.01
CA ALA B 325 -8.27 -22.67 -33.29
C ALA B 325 -6.96 -22.92 -32.56
N GLN B 326 -6.25 -21.86 -32.19
CA GLN B 326 -4.95 -22.03 -31.56
C GLN B 326 -5.07 -22.71 -30.20
N SER B 327 -6.13 -22.41 -29.46
CA SER B 327 -6.37 -23.08 -28.20
C SER B 327 -7.39 -24.20 -28.29
N GLU B 328 -8.34 -24.13 -29.22
CA GLU B 328 -9.44 -25.08 -29.22
C GLU B 328 -9.34 -26.17 -30.28
N GLY B 329 -8.36 -26.10 -31.16
CA GLY B 329 -8.33 -27.00 -32.30
C GLY B 329 -9.26 -26.54 -33.40
N LYS B 330 -9.03 -27.07 -34.61
CA LYS B 330 -9.79 -26.60 -35.75
C LYS B 330 -11.28 -26.84 -35.58
N GLU B 331 -11.66 -27.92 -34.90
CA GLU B 331 -13.06 -28.32 -34.85
C GLU B 331 -13.88 -27.40 -33.96
N GLY B 332 -13.33 -27.02 -32.79
CA GLY B 332 -14.04 -26.19 -31.84
C GLY B 332 -13.59 -24.74 -31.86
N ALA B 333 -12.90 -24.34 -32.93
CA ALA B 333 -12.32 -23.00 -32.98
C ALA B 333 -13.37 -21.92 -32.73
N THR B 334 -14.60 -22.12 -33.19
CA THR B 334 -15.61 -21.08 -33.04
C THR B 334 -16.39 -21.16 -31.73
N LYS B 335 -16.14 -22.17 -30.89
CA LYS B 335 -16.95 -22.34 -29.70
C LYS B 335 -16.75 -21.26 -28.65
N ILE B 336 -15.71 -20.42 -28.78
CA ILE B 336 -15.42 -19.45 -27.75
C ILE B 336 -15.61 -18.02 -28.23
N LEU B 337 -16.10 -17.81 -29.45
CA LEU B 337 -16.10 -16.47 -30.02
C LEU B 337 -17.21 -15.59 -29.44
N ARG B 338 -16.86 -14.35 -29.14
CA ARG B 338 -17.76 -13.34 -28.56
C ARG B 338 -17.57 -12.06 -29.36
N ASN B 339 -18.68 -11.51 -29.86
CA ASN B 339 -18.62 -10.48 -30.88
C ASN B 339 -19.12 -9.12 -30.41
N LEU B 340 -19.46 -9.02 -29.12
CA LEU B 340 -19.80 -7.77 -28.47
C LEU B 340 -19.15 -7.77 -27.10
N VAL B 341 -19.12 -6.59 -26.45
CA VAL B 341 -18.67 -6.54 -25.06
C VAL B 341 -19.79 -6.99 -24.13
N VAL B 342 -20.96 -6.39 -24.26
CA VAL B 342 -22.15 -6.97 -23.62
C VAL B 342 -22.51 -8.28 -24.30
N PRO B 343 -22.64 -9.39 -23.57
CA PRO B 343 -23.05 -10.64 -24.23
C PRO B 343 -24.36 -10.45 -24.98
N PRO B 344 -24.52 -11.13 -26.12
CA PRO B 344 -25.72 -10.91 -26.95
C PRO B 344 -27.03 -11.16 -26.24
N ASN B 345 -27.07 -12.10 -25.29
CA ASN B 345 -28.27 -12.44 -24.55
C ASN B 345 -28.24 -11.93 -23.11
N PHE B 346 -27.39 -10.94 -22.83
CA PHE B 346 -27.24 -10.45 -21.46
C PHE B 346 -28.56 -9.91 -20.94
N VAL B 347 -29.31 -9.22 -21.82
CA VAL B 347 -30.66 -8.74 -21.54
C VAL B 347 -31.45 -8.89 -22.84
N SER B 348 -32.76 -8.69 -22.73
CA SER B 348 -33.64 -8.71 -23.87
C SER B 348 -34.59 -7.52 -23.79
N ILE B 349 -35.20 -7.21 -24.93
CA ILE B 349 -36.19 -6.15 -25.05
C ILE B 349 -37.40 -6.78 -25.73
N LYS B 350 -38.43 -7.11 -24.95
CA LYS B 350 -39.68 -7.69 -25.47
C LYS B 350 -39.42 -8.99 -26.21
N GLY B 351 -38.54 -9.83 -25.67
CA GLY B 351 -38.17 -11.07 -26.31
C GLY B 351 -37.06 -10.95 -27.32
N LYS B 352 -36.57 -9.74 -27.57
CA LYS B 352 -35.49 -9.47 -28.52
C LYS B 352 -34.21 -9.26 -27.73
N ASP B 353 -33.28 -10.21 -27.80
CA ASP B 353 -32.15 -10.05 -26.92
C ASP B 353 -31.21 -8.97 -27.45
N PHE B 354 -30.30 -8.55 -26.56
CA PHE B 354 -29.52 -7.34 -26.77
C PHE B 354 -28.76 -7.36 -28.09
N GLY B 355 -28.15 -8.51 -28.43
CA GLY B 355 -27.36 -8.59 -29.65
C GLY B 355 -28.18 -8.39 -30.91
N GLU B 356 -29.44 -8.84 -30.89
CA GLU B 356 -30.33 -8.56 -32.01
C GLU B 356 -30.56 -7.06 -32.16
N VAL B 357 -30.79 -6.38 -31.04
CA VAL B 357 -31.07 -4.95 -31.10
C VAL B 357 -29.84 -4.18 -31.55
N VAL B 358 -28.65 -4.58 -31.10
CA VAL B 358 -27.45 -3.86 -31.53
C VAL B 358 -27.25 -4.01 -33.03
N ALA B 359 -27.56 -5.20 -33.56
CA ALA B 359 -27.47 -5.40 -35.00
C ALA B 359 -28.42 -4.48 -35.75
N SER B 360 -29.60 -4.23 -35.19
CA SER B 360 -30.53 -3.26 -35.78
C SER B 360 -29.85 -1.93 -36.04
N LYS B 361 -29.14 -1.39 -35.04
CA LYS B 361 -28.60 -0.04 -35.05
C LYS B 361 -27.37 0.12 -35.94
N MET B 362 -26.73 -0.97 -36.38
CA MET B 362 -25.49 -0.85 -37.13
C MET B 362 -25.69 -0.20 -38.50
N VAL B 363 -26.92 -0.18 -39.02
CA VAL B 363 -27.17 0.46 -40.31
C VAL B 363 -26.82 1.93 -40.25
N ASN B 364 -26.94 2.57 -39.09
CA ASN B 364 -26.72 4.04 -38.92
C ASN B 364 -25.26 4.42 -38.89
N TYR B 365 -24.40 3.42 -38.91
CA TYR B 365 -22.97 3.70 -38.87
C TYR B 365 -22.25 3.31 -40.15
N GLY B 366 -22.98 2.83 -41.17
CA GLY B 366 -22.44 2.73 -42.51
C GLY B 366 -22.64 1.37 -43.16
N LYS B 367 -22.54 1.35 -44.49
CA LYS B 367 -22.74 0.10 -45.28
C LYS B 367 -21.75 -0.98 -44.82
N GLU B 368 -20.61 -0.58 -44.23
CA GLU B 368 -19.62 -1.55 -43.79
C GLU B 368 -20.23 -2.61 -42.88
N TRP B 369 -21.35 -2.33 -42.24
CA TRP B 369 -21.95 -3.20 -41.23
C TRP B 369 -23.25 -3.85 -41.70
N GLN B 370 -23.56 -3.72 -42.97
CA GLN B 370 -24.84 -4.27 -43.43
C GLN B 370 -24.99 -5.77 -43.14
N GLY B 371 -26.08 -6.11 -42.47
CA GLY B 371 -26.43 -7.49 -42.20
C GLY B 371 -25.51 -8.20 -41.22
N ILE B 372 -24.80 -7.48 -40.36
CA ILE B 372 -23.90 -8.14 -39.43
C ILE B 372 -24.71 -8.87 -38.36
N ASN B 373 -24.19 -10.00 -37.90
CA ASN B 373 -24.82 -10.82 -36.88
C ASN B 373 -23.87 -10.93 -35.69
N PHE B 374 -24.37 -10.66 -34.48
CA PHE B 374 -23.53 -10.66 -33.30
C PHE B 374 -23.70 -11.91 -32.43
N ALA B 375 -24.25 -12.99 -32.99
CA ALA B 375 -24.43 -14.20 -32.19
C ALA B 375 -23.07 -14.71 -31.71
N ASP B 376 -23.05 -15.29 -30.51
CA ASP B 376 -21.90 -16.04 -30.06
C ASP B 376 -21.56 -17.15 -31.04
N GLY B 377 -20.29 -17.56 -31.06
CA GLY B 377 -19.91 -18.81 -31.70
C GLY B 377 -19.68 -18.76 -33.20
N GLN B 378 -19.44 -17.58 -33.76
CA GLN B 378 -19.13 -17.41 -35.17
C GLN B 378 -18.32 -16.13 -35.32
N ASP B 379 -17.75 -15.95 -36.52
CA ASP B 379 -16.93 -14.76 -36.79
C ASP B 379 -17.61 -13.88 -37.83
N PRO B 380 -18.28 -12.79 -37.44
CA PRO B 380 -18.91 -11.87 -38.40
C PRO B 380 -18.02 -10.73 -38.84
N TYR B 381 -16.85 -10.58 -38.25
CA TYR B 381 -15.99 -9.43 -38.52
C TYR B 381 -15.06 -9.68 -39.71
N TYR B 382 -14.33 -10.79 -39.69
CA TYR B 382 -13.30 -11.07 -40.68
C TYR B 382 -13.82 -10.93 -42.10
N ASN B 383 -13.38 -9.88 -42.79
CA ASN B 383 -13.74 -9.66 -44.20
C ASN B 383 -12.55 -9.04 -44.88
N PRO B 384 -11.74 -9.83 -45.58
CA PRO B 384 -10.49 -9.30 -46.16
C PRO B 384 -10.70 -8.13 -47.11
N GLU B 385 -11.68 -8.22 -48.00
CA GLU B 385 -11.89 -7.12 -48.95
C GLU B 385 -12.37 -5.86 -48.23
N LYS B 386 -13.28 -6.01 -47.27
CA LYS B 386 -13.71 -4.85 -46.49
C LYS B 386 -12.55 -4.27 -45.69
N ALA B 387 -11.64 -5.13 -45.22
CA ALA B 387 -10.46 -4.64 -44.49
C ALA B 387 -9.54 -3.82 -45.40
N LYS B 388 -9.28 -4.30 -46.62
CA LYS B 388 -8.42 -3.53 -47.53
C LYS B 388 -9.10 -2.24 -47.97
N ALA B 389 -10.42 -2.25 -48.08
CA ALA B 389 -11.12 -1.03 -48.45
C ALA B 389 -10.96 0.03 -47.37
N LYS B 390 -11.16 -0.36 -46.11
CA LYS B 390 -11.00 0.57 -45.00
C LYS B 390 -9.55 1.02 -44.86
N PHE B 391 -8.60 0.13 -45.14
CA PHE B 391 -7.21 0.52 -44.96
C PHE B 391 -6.80 1.53 -46.01
N ALA B 392 -7.32 1.39 -47.23
CA ALA B 392 -7.06 2.38 -48.27
C ALA B 392 -7.56 3.76 -47.84
N GLU B 393 -8.76 3.82 -47.28
CA GLU B 393 -9.28 5.09 -46.77
C GLU B 393 -8.38 5.63 -45.65
N ALA B 394 -7.91 4.73 -44.78
CA ALA B 394 -7.06 5.12 -43.67
C ALA B 394 -5.74 5.70 -44.14
N LYS B 395 -5.09 5.03 -45.09
CA LYS B 395 -3.79 5.50 -45.59
C LYS B 395 -3.88 6.91 -46.16
N LYS B 396 -4.96 7.22 -46.89
CA LYS B 396 -5.10 8.55 -47.49
C LYS B 396 -5.25 9.64 -46.43
N GLU B 397 -5.92 9.32 -45.32
CA GLU B 397 -6.03 10.28 -44.23
C GLU B 397 -4.72 10.40 -43.46
N LEU B 398 -3.98 9.30 -43.34
CA LEU B 398 -2.78 9.29 -42.50
C LEU B 398 -1.56 9.82 -43.23
N GLU B 399 -1.34 9.46 -44.51
CA GLU B 399 -0.10 9.85 -45.17
C GLU B 399 0.03 11.37 -45.25
N ALA B 400 -1.09 12.09 -45.26
CA ALA B 400 -1.02 13.55 -45.26
C ALA B 400 -0.48 14.08 -43.94
N LYS B 401 -0.71 13.38 -42.84
CA LYS B 401 -0.08 13.79 -41.60
C LYS B 401 1.35 13.26 -41.46
N GLY B 402 1.99 12.91 -42.58
CA GLY B 402 3.37 12.48 -42.53
C GLY B 402 3.56 11.11 -41.90
N VAL B 403 2.56 10.25 -41.98
CA VAL B 403 2.62 8.93 -41.35
C VAL B 403 3.33 7.96 -42.28
N GLN B 404 4.26 7.19 -41.72
CA GLN B 404 5.07 6.20 -42.42
C GLN B 404 4.47 4.81 -42.27
N PHE B 405 4.46 4.04 -43.36
CA PHE B 405 3.95 2.68 -43.33
C PHE B 405 5.07 1.71 -43.68
N PRO B 406 5.09 0.50 -43.12
CA PRO B 406 4.03 -0.09 -42.28
C PRO B 406 3.89 0.49 -40.89
N ILE B 407 2.67 0.45 -40.37
CA ILE B 407 2.41 0.76 -38.97
C ILE B 407 2.84 -0.43 -38.14
N HIS B 408 3.74 -0.23 -37.18
CA HIS B 408 4.13 -1.31 -36.29
C HIS B 408 3.34 -1.29 -35.01
N LEU B 409 2.77 -2.45 -34.65
CA LEU B 409 1.94 -2.58 -33.45
C LEU B 409 2.54 -3.64 -32.54
N ASP B 410 2.93 -3.24 -31.33
CA ASP B 410 3.48 -4.15 -30.32
C ASP B 410 2.37 -4.83 -29.55
N LYS B 411 2.48 -6.15 -29.45
CA LYS B 411 1.59 -7.01 -28.66
C LYS B 411 2.47 -7.86 -27.75
N THR B 412 2.16 -7.88 -26.46
CA THR B 412 3.01 -8.63 -25.55
C THR B 412 2.44 -10.03 -25.35
N VAL B 413 3.31 -10.90 -24.84
CA VAL B 413 2.90 -12.25 -24.45
C VAL B 413 3.92 -12.79 -23.46
N GLU B 414 3.47 -13.69 -22.58
CA GLU B 414 4.36 -14.33 -21.63
C GLU B 414 5.18 -15.41 -22.31
N VAL B 415 6.49 -15.42 -22.06
CA VAL B 415 7.38 -16.39 -22.70
C VAL B 415 6.99 -17.83 -22.35
N THR B 416 6.35 -18.05 -21.19
CA THR B 416 5.96 -19.41 -20.78
C THR B 416 4.61 -19.85 -21.37
N ASP B 417 3.82 -18.91 -21.89
CA ASP B 417 2.43 -19.17 -22.29
C ASP B 417 2.43 -19.70 -23.72
N LYS B 418 2.70 -21.00 -23.86
CA LYS B 418 2.86 -21.59 -25.18
C LYS B 418 1.58 -21.44 -26.02
N VAL B 419 0.42 -21.65 -25.40
CA VAL B 419 -0.82 -21.53 -26.16
C VAL B 419 -1.06 -20.07 -26.57
N GLY B 420 -0.77 -19.14 -25.66
CA GLY B 420 -0.98 -17.73 -25.96
C GLY B 420 -0.03 -17.21 -27.01
N ILE B 421 1.18 -17.77 -27.05
CA ILE B 421 2.12 -17.41 -28.11
C ILE B 421 1.58 -17.83 -29.47
N GLN B 422 0.96 -19.01 -29.53
CA GLN B 422 0.32 -19.47 -30.76
C GLN B 422 -0.86 -18.59 -31.13
N GLY B 423 -1.60 -18.12 -30.13
CA GLY B 423 -2.68 -17.19 -30.38
C GLY B 423 -2.20 -15.85 -30.94
N VAL B 424 -1.21 -15.23 -30.28
CA VAL B 424 -0.71 -13.95 -30.81
C VAL B 424 -0.05 -14.16 -32.19
N SER B 425 0.57 -15.32 -32.43
CA SER B 425 1.13 -15.59 -33.75
C SER B 425 0.04 -15.67 -34.82
N SER B 426 -1.13 -16.20 -34.47
CA SER B 426 -2.23 -16.25 -35.41
CA SER B 426 -2.23 -16.25 -35.41
CA SER B 426 -2.23 -16.25 -35.41
C SER B 426 -2.73 -14.85 -35.75
N ILE B 427 -2.80 -13.95 -34.76
CA ILE B 427 -3.26 -12.59 -35.08
C ILE B 427 -2.25 -11.89 -35.97
N LYS B 428 -0.95 -12.04 -35.67
CA LYS B 428 0.09 -11.50 -36.56
C LYS B 428 -0.08 -12.04 -37.98
N GLN B 429 -0.28 -13.35 -38.10
CA GLN B 429 -0.36 -13.95 -39.43
CA GLN B 429 -0.36 -13.95 -39.43
C GLN B 429 -1.59 -13.46 -40.19
N SER B 430 -2.72 -13.33 -39.49
CA SER B 430 -3.97 -12.94 -40.13
CA SER B 430 -3.96 -12.95 -40.15
C SER B 430 -3.94 -11.48 -40.56
N ILE B 431 -3.46 -10.60 -39.67
CA ILE B 431 -3.44 -9.18 -39.96
C ILE B 431 -2.45 -8.87 -41.08
N GLU B 432 -1.25 -9.46 -41.00
CA GLU B 432 -0.23 -9.17 -42.00
C GLU B 432 -0.53 -9.81 -43.35
N SER B 433 -1.38 -10.85 -43.40
CA SER B 433 -1.69 -11.43 -44.70
C SER B 433 -2.80 -10.65 -45.41
N VAL B 434 -3.84 -10.25 -44.68
CA VAL B 434 -4.93 -9.51 -45.32
C VAL B 434 -4.47 -8.14 -45.76
N LEU B 435 -3.89 -7.37 -44.85
CA LEU B 435 -3.53 -5.99 -45.13
C LEU B 435 -2.16 -5.85 -45.77
N GLY B 436 -1.28 -6.81 -45.54
CA GLY B 436 0.06 -6.77 -46.10
C GLY B 436 1.06 -6.23 -45.11
N SER B 437 2.21 -6.90 -44.97
CA SER B 437 3.22 -6.38 -44.07
C SER B 437 3.85 -5.10 -44.57
N ASP B 438 3.59 -4.71 -45.83
CA ASP B 438 3.94 -3.38 -46.31
C ASP B 438 3.08 -2.30 -45.65
N ASN B 439 1.99 -2.68 -45.01
CA ASN B 439 1.08 -1.74 -44.42
C ASN B 439 1.02 -1.83 -42.90
N VAL B 440 1.01 -3.04 -42.34
CA VAL B 440 0.91 -3.22 -40.89
C VAL B 440 1.77 -4.41 -40.48
N VAL B 441 2.52 -4.25 -39.39
CA VAL B 441 3.31 -5.30 -38.79
C VAL B 441 2.89 -5.46 -37.34
N ILE B 442 2.65 -6.70 -36.92
CA ILE B 442 2.40 -7.04 -35.53
C ILE B 442 3.71 -7.56 -34.96
N ASP B 443 4.29 -6.83 -34.00
CA ASP B 443 5.58 -7.18 -33.42
C ASP B 443 5.32 -7.84 -32.06
N ILE B 444 5.54 -9.14 -31.99
CA ILE B 444 5.31 -9.90 -30.77
C ILE B 444 6.49 -9.67 -29.83
N GLN B 445 6.20 -9.21 -28.63
CA GLN B 445 7.21 -8.98 -27.58
C GLN B 445 7.03 -10.05 -26.53
N GLN B 446 7.92 -11.05 -26.50
CA GLN B 446 7.81 -12.11 -25.51
C GLN B 446 8.50 -11.67 -24.23
N LEU B 447 7.75 -11.67 -23.12
CA LEU B 447 8.24 -11.09 -21.87
C LEU B 447 8.26 -12.12 -20.76
N THR B 448 9.18 -11.92 -19.82
CA THR B 448 9.15 -12.62 -18.54
C THR B 448 7.87 -12.25 -17.80
N SER B 449 7.54 -13.05 -16.79
CA SER B 449 6.31 -12.80 -16.04
C SER B 449 6.33 -11.42 -15.39
N ASP B 450 7.46 -11.02 -14.80
CA ASP B 450 7.55 -9.71 -14.15
C ASP B 450 7.32 -8.59 -15.15
N GLU B 451 7.96 -8.67 -16.31
CA GLU B 451 7.80 -7.66 -17.35
C GLU B 451 6.37 -7.65 -17.89
N PHE B 452 5.81 -8.83 -18.12
CA PHE B 452 4.45 -8.95 -18.62
C PHE B 452 3.45 -8.34 -17.64
N ASP B 453 3.63 -8.62 -16.35
CA ASP B 453 2.73 -8.09 -15.33
C ASP B 453 2.81 -6.56 -15.24
N SER B 454 4.02 -6.03 -15.16
CA SER B 454 4.16 -4.59 -14.90
C SER B 454 3.89 -3.74 -16.12
N SER B 455 3.90 -4.34 -17.31
CA SER B 455 3.62 -3.58 -18.53
C SER B 455 2.16 -3.68 -18.97
N GLY B 456 1.38 -4.54 -18.31
CA GLY B 456 0.00 -4.76 -18.71
C GLY B 456 -0.97 -4.78 -17.56
N TYR B 457 -1.40 -5.98 -17.17
CA TYR B 457 -2.51 -6.13 -16.23
C TYR B 457 -2.24 -5.43 -14.90
N PHE B 458 -1.01 -5.49 -14.40
CA PHE B 458 -0.68 -4.92 -13.09
C PHE B 458 0.01 -3.56 -13.16
N ALA B 459 0.13 -2.97 -14.35
CA ALA B 459 0.59 -1.59 -14.44
C ALA B 459 -0.33 -0.70 -13.62
N GLN B 460 0.25 0.26 -12.89
CA GLN B 460 -0.52 1.11 -11.99
C GLN B 460 -0.99 2.42 -12.60
N THR B 461 -0.41 2.81 -13.73
CA THR B 461 -0.81 4.01 -14.45
C THR B 461 -0.92 3.70 -15.94
N ALA B 462 -1.58 4.62 -16.66
CA ALA B 462 -1.66 4.52 -18.11
C ALA B 462 -0.28 4.68 -18.73
N ALA B 463 0.56 5.54 -18.16
CA ALA B 463 1.88 5.79 -18.72
C ALA B 463 2.80 4.58 -18.62
N GLN B 464 2.49 3.63 -17.75
CA GLN B 464 3.28 2.41 -17.65
C GLN B 464 2.86 1.34 -18.63
N LYS B 465 1.77 1.54 -19.36
CA LYS B 465 1.34 0.52 -20.33
C LYS B 465 2.30 0.51 -21.50
N ASP B 466 2.86 -0.68 -21.81
CA ASP B 466 4.01 -0.78 -22.72
C ASP B 466 3.63 -1.77 -23.82
N TYR B 467 2.85 -1.30 -24.78
CA TYR B 467 2.29 -2.08 -25.89
C TYR B 467 1.48 -1.11 -26.75
N ASP B 468 1.17 -1.54 -27.97
CA ASP B 468 0.19 -0.83 -28.79
C ASP B 468 -1.15 -1.54 -28.88
N LEU B 469 -1.14 -2.86 -28.75
CA LEU B 469 -2.33 -3.70 -28.74
C LEU B 469 -2.41 -4.43 -27.40
N TYR B 470 -3.61 -4.54 -26.87
CA TYR B 470 -3.84 -5.16 -25.59
C TYR B 470 -4.99 -6.14 -25.74
N HIS B 471 -4.92 -7.26 -25.04
CA HIS B 471 -6.03 -8.22 -25.04
C HIS B 471 -6.50 -8.41 -23.60
N GLY B 472 -7.54 -7.68 -23.21
CA GLY B 472 -8.08 -7.84 -21.88
C GLY B 472 -9.54 -8.19 -21.90
N GLY B 473 -10.17 -8.20 -20.73
CA GLY B 473 -11.55 -8.60 -20.68
C GLY B 473 -12.26 -7.94 -19.52
N TRP B 474 -13.58 -8.04 -19.54
CA TRP B 474 -14.41 -7.51 -18.45
C TRP B 474 -15.34 -8.60 -17.94
N GLY B 475 -15.35 -8.80 -16.62
CA GLY B 475 -16.42 -9.60 -16.01
C GLY B 475 -17.44 -8.66 -15.41
N PRO B 476 -18.73 -8.86 -15.70
CA PRO B 476 -19.75 -7.92 -15.24
C PRO B 476 -19.84 -7.88 -13.73
N ASP B 477 -20.03 -6.67 -13.19
CA ASP B 477 -20.16 -6.47 -11.75
C ASP B 477 -21.61 -6.43 -11.28
N TYR B 478 -22.56 -6.16 -12.17
CA TYR B 478 -23.95 -6.00 -11.77
C TYR B 478 -24.83 -6.13 -13.00
N GLN B 479 -26.11 -6.42 -12.77
CA GLN B 479 -27.10 -6.76 -13.83
C GLN B 479 -27.60 -5.57 -14.65
N ASP B 480 -26.74 -4.99 -15.50
CA ASP B 480 -27.15 -3.93 -16.41
C ASP B 480 -26.07 -3.75 -17.47
N PRO B 481 -26.43 -3.44 -18.72
CA PRO B 481 -25.41 -3.25 -19.76
C PRO B 481 -24.32 -2.25 -19.42
N SER B 482 -24.62 -1.29 -18.54
CA SER B 482 -23.65 -0.26 -18.20
C SER B 482 -22.43 -0.82 -17.46
N THR B 483 -22.53 -2.00 -16.82
CA THR B 483 -21.34 -2.57 -16.21
C THR B 483 -20.24 -2.76 -17.25
N TYR B 484 -20.62 -3.14 -18.47
CA TYR B 484 -19.66 -3.28 -19.56
C TYR B 484 -19.38 -1.95 -20.24
N LEU B 485 -20.44 -1.26 -20.67
CA LEU B 485 -20.25 -0.12 -21.55
C LEU B 485 -19.61 1.06 -20.84
N ASP B 486 -19.77 1.16 -19.52
CA ASP B 486 -19.16 2.27 -18.81
C ASP B 486 -17.63 2.22 -18.78
N ILE B 487 -17.01 1.06 -19.06
CA ILE B 487 -15.57 0.94 -18.77
C ILE B 487 -14.69 1.82 -19.64
N PHE B 488 -15.23 2.39 -20.72
CA PHE B 488 -14.46 3.28 -21.58
C PHE B 488 -14.81 4.75 -21.41
N ASN B 489 -15.65 5.08 -20.43
CA ASN B 489 -16.07 6.48 -20.32
C ASN B 489 -14.93 7.31 -19.73
N THR B 490 -14.82 8.57 -20.16
CA THR B 490 -13.61 9.32 -19.83
C THR B 490 -13.59 9.83 -18.39
N ASN B 491 -14.73 9.84 -17.69
CA ASN B 491 -14.74 10.37 -16.32
C ASN B 491 -14.21 9.33 -15.33
N SER B 492 -14.57 8.06 -15.53
CA SER B 492 -14.26 7.04 -14.53
C SER B 492 -14.11 5.63 -15.11
N GLY B 493 -13.94 5.47 -16.41
CA GLY B 493 -13.99 4.11 -16.95
C GLY B 493 -12.92 3.19 -16.40
N GLY B 494 -13.32 1.99 -15.98
CA GLY B 494 -12.36 1.06 -15.40
C GLY B 494 -11.33 0.54 -16.39
N PHE B 495 -11.64 0.65 -17.68
CA PHE B 495 -10.72 0.17 -18.75
C PHE B 495 -10.06 1.34 -19.46
N LEU B 496 -10.00 2.53 -18.83
CA LEU B 496 -9.36 3.65 -19.49
C LEU B 496 -7.84 3.50 -19.53
N GLN B 497 -7.24 3.06 -18.43
CA GLN B 497 -5.77 2.98 -18.41
C GLN B 497 -5.24 1.99 -19.43
N ASN B 498 -5.97 0.90 -19.67
CA ASN B 498 -5.54 -0.06 -20.68
C ASN B 498 -5.55 0.54 -22.08
N LEU B 499 -6.33 1.60 -22.31
CA LEU B 499 -6.33 2.34 -23.56
C LEU B 499 -5.34 3.51 -23.52
N GLY B 500 -4.53 3.61 -22.46
CA GLY B 500 -3.56 4.68 -22.33
C GLY B 500 -4.11 6.00 -21.84
N LEU B 501 -5.34 6.01 -21.33
CA LEU B 501 -5.98 7.23 -20.89
C LEU B 501 -6.17 7.20 -19.38
N GLU B 502 -6.32 8.38 -18.80
CA GLU B 502 -6.55 8.44 -17.37
C GLU B 502 -7.91 9.08 -17.11
N PRO B 503 -8.65 8.60 -16.12
CA PRO B 503 -9.93 9.23 -15.80
C PRO B 503 -9.76 10.71 -15.46
N GLY B 504 -10.72 11.53 -15.93
CA GLY B 504 -10.66 12.97 -15.78
C GLY B 504 -11.08 13.64 -17.08
N GLU B 505 -10.59 14.86 -17.27
CA GLU B 505 -10.87 15.60 -18.49
C GLU B 505 -10.34 14.85 -19.70
N ALA B 506 -11.23 14.60 -20.68
CA ALA B 506 -10.84 13.89 -21.89
C ALA B 506 -9.78 14.67 -22.64
N ASN B 507 -8.62 14.05 -22.89
CA ASN B 507 -7.56 14.81 -23.56
C ASN B 507 -7.77 14.78 -25.06
N ASP B 508 -6.81 15.36 -25.79
CA ASP B 508 -7.01 15.51 -27.24
C ASP B 508 -7.07 14.16 -27.93
N LYS B 509 -6.42 13.12 -27.38
CA LYS B 509 -6.51 11.82 -28.02
C LYS B 509 -7.84 11.14 -27.75
N ALA B 510 -8.38 11.32 -26.54
CA ALA B 510 -9.74 10.81 -26.26
C ALA B 510 -10.76 11.50 -27.14
N LYS B 511 -10.64 12.82 -27.33
CA LYS B 511 -11.56 13.54 -28.20
C LYS B 511 -11.35 13.15 -29.66
N ALA B 512 -10.12 12.86 -30.07
CA ALA B 512 -9.85 12.48 -31.47
C ALA B 512 -10.64 11.25 -31.86
N VAL B 513 -10.82 10.31 -30.93
CA VAL B 513 -11.52 9.07 -31.23
C VAL B 513 -12.97 9.10 -30.79
N GLY B 514 -13.42 10.19 -30.21
CA GLY B 514 -14.82 10.33 -29.92
C GLY B 514 -15.26 9.83 -28.57
N LEU B 515 -14.33 9.56 -27.66
CA LEU B 515 -14.75 9.02 -26.38
C LEU B 515 -15.45 10.05 -25.52
N ASP B 516 -15.32 11.34 -25.84
CA ASP B 516 -16.13 12.34 -25.14
C ASP B 516 -17.58 12.25 -25.58
N VAL B 517 -17.81 12.01 -26.87
CA VAL B 517 -19.17 11.80 -27.36
C VAL B 517 -19.79 10.56 -26.72
N TYR B 518 -19.05 9.45 -26.76
CA TYR B 518 -19.44 8.20 -26.10
C TYR B 518 -19.81 8.40 -24.64
N THR B 519 -18.99 9.16 -23.91
CA THR B 519 -19.29 9.39 -22.49
C THR B 519 -20.61 10.14 -22.32
N GLN B 520 -20.86 11.12 -23.19
CA GLN B 520 -22.13 11.86 -23.11
C GLN B 520 -23.32 10.95 -23.38
N MET B 521 -23.16 9.99 -24.30
CA MET B 521 -24.25 9.07 -24.60
C MET B 521 -24.55 8.16 -23.41
N LEU B 522 -23.51 7.72 -22.71
CA LEU B 522 -23.71 6.91 -21.51
C LEU B 522 -24.45 7.69 -20.45
N GLU B 523 -24.07 8.96 -20.28
CA GLU B 523 -24.72 9.80 -19.27
C GLU B 523 -26.21 9.94 -19.54
N GLU B 524 -26.59 10.06 -20.82
CA GLU B 524 -28.01 10.16 -21.17
C GLU B 524 -28.72 8.84 -20.96
N ALA B 525 -28.10 7.73 -21.38
CA ALA B 525 -28.75 6.43 -21.27
C ALA B 525 -29.00 6.05 -19.83
N ASN B 526 -28.04 6.35 -18.94
CA ASN B 526 -28.19 6.01 -17.53
C ASN B 526 -29.40 6.70 -16.88
N LYS B 527 -29.87 7.81 -17.44
CA LYS B 527 -31.03 8.49 -16.85
C LYS B 527 -32.34 7.73 -17.08
N GLU B 528 -32.38 6.81 -18.04
CA GLU B 528 -33.61 6.10 -18.34
C GLU B 528 -33.81 4.92 -17.39
N GLN B 529 -34.99 4.83 -16.79
CA GLN B 529 -35.24 3.78 -15.80
C GLN B 529 -36.28 2.75 -16.23
N ASP B 530 -36.89 2.89 -17.42
CA ASP B 530 -37.70 1.80 -17.96
C ASP B 530 -36.81 0.82 -18.71
N PRO B 531 -36.81 -0.47 -18.33
CA PRO B 531 -35.83 -1.40 -18.92
C PRO B 531 -35.77 -1.41 -20.44
N ALA B 532 -36.89 -1.58 -21.13
CA ALA B 532 -36.86 -1.66 -22.59
C ALA B 532 -36.23 -0.41 -23.19
N LYS B 533 -36.64 0.77 -22.72
CA LYS B 533 -36.09 2.01 -23.23
C LYS B 533 -34.61 2.12 -22.88
N ARG B 534 -34.27 1.84 -21.63
CA ARG B 534 -32.88 1.91 -21.18
C ARG B 534 -31.99 1.01 -22.02
N TYR B 535 -32.41 -0.24 -22.23
CA TYR B 535 -31.57 -1.19 -22.95
C TYR B 535 -31.43 -0.79 -24.42
N GLU B 536 -32.46 -0.16 -24.99
CA GLU B 536 -32.37 0.28 -26.37
C GLU B 536 -31.33 1.38 -26.52
N LYS B 537 -31.23 2.29 -25.54
CA LYS B 537 -30.20 3.32 -25.60
C LYS B 537 -28.81 2.72 -25.41
N TYR B 538 -28.67 1.72 -24.55
CA TYR B 538 -27.35 1.10 -24.40
C TYR B 538 -27.00 0.25 -25.62
N ALA B 539 -28.01 -0.27 -26.32
CA ALA B 539 -27.79 -0.95 -27.60
C ALA B 539 -27.15 -0.02 -28.62
N ASP B 540 -27.67 1.20 -28.74
CA ASP B 540 -27.07 2.12 -29.69
C ASP B 540 -25.66 2.52 -29.27
N ILE B 541 -25.42 2.63 -27.95
CA ILE B 541 -24.08 2.91 -27.44
C ILE B 541 -23.11 1.79 -27.79
N GLN B 542 -23.53 0.54 -27.57
CA GLN B 542 -22.70 -0.59 -27.99
C GLN B 542 -22.47 -0.55 -29.50
N ALA B 543 -23.49 -0.16 -30.26
CA ALA B 543 -23.33 -0.07 -31.71
C ALA B 543 -22.29 0.98 -32.09
N TRP B 544 -22.35 2.13 -31.42
CA TRP B 544 -21.34 3.17 -31.64
C TRP B 544 -19.95 2.61 -31.41
N LEU B 545 -19.78 1.82 -30.34
CA LEU B 545 -18.46 1.35 -29.95
C LEU B 545 -17.91 0.31 -30.93
N ILE B 546 -18.77 -0.60 -31.41
CA ILE B 546 -18.33 -1.55 -32.43
C ILE B 546 -17.85 -0.80 -33.67
N ASP B 547 -18.65 0.16 -34.13
CA ASP B 547 -18.30 0.91 -35.33
C ASP B 547 -17.01 1.69 -35.12
N SER B 548 -16.81 2.21 -33.91
CA SER B 548 -15.57 2.94 -33.62
C SER B 548 -14.37 2.01 -33.68
N SER B 549 -14.59 0.72 -33.39
CA SER B 549 -13.53 -0.28 -33.42
C SER B 549 -12.41 0.08 -32.44
N LEU B 550 -12.77 0.83 -31.40
CA LEU B 550 -11.87 1.01 -30.26
C LEU B 550 -11.73 -0.27 -29.44
N VAL B 551 -12.64 -1.23 -29.64
CA VAL B 551 -12.47 -2.61 -29.19
C VAL B 551 -12.66 -3.52 -30.39
N LEU B 552 -12.01 -4.67 -30.34
CA LEU B 552 -12.16 -5.71 -31.36
C LEU B 552 -12.59 -6.97 -30.62
N PRO B 553 -13.88 -7.25 -30.53
CA PRO B 553 -14.33 -8.35 -29.68
C PRO B 553 -13.73 -9.67 -30.15
N SER B 554 -13.33 -10.50 -29.20
CA SER B 554 -12.62 -11.74 -29.51
C SER B 554 -13.37 -12.94 -28.95
N VAL B 555 -13.22 -13.18 -27.65
CA VAL B 555 -13.65 -14.43 -27.06
C VAL B 555 -14.33 -14.20 -25.71
N SER B 556 -15.00 -15.25 -25.22
CA SER B 556 -15.57 -15.29 -23.89
C SER B 556 -14.83 -16.33 -23.06
N ARG B 557 -15.15 -16.37 -21.77
CA ARG B 557 -14.80 -17.58 -21.03
C ARG B 557 -15.83 -18.67 -21.35
N GLY B 558 -15.46 -19.93 -21.08
CA GLY B 558 -16.32 -21.05 -21.41
C GLY B 558 -16.21 -21.46 -22.88
N GLY B 559 -17.00 -22.46 -23.25
CA GLY B 559 -16.92 -23.03 -24.59
C GLY B 559 -15.74 -23.94 -24.81
N THR B 560 -15.14 -24.46 -23.73
CA THR B 560 -13.91 -25.23 -23.81
C THR B 560 -14.14 -26.65 -23.34
N PRO B 561 -13.31 -27.60 -23.78
CA PRO B 561 -13.47 -29.01 -23.35
C PRO B 561 -12.75 -29.29 -22.05
N SER B 562 -13.33 -30.20 -21.27
CA SER B 562 -12.75 -30.57 -19.99
C SER B 562 -13.15 -31.99 -19.59
N LEU B 563 -12.41 -32.52 -18.62
CA LEU B 563 -12.77 -33.73 -17.89
C LEU B 563 -13.09 -33.33 -16.46
N ARG B 564 -14.08 -33.99 -15.84
CA ARG B 564 -14.58 -33.52 -14.56
C ARG B 564 -14.92 -34.66 -13.62
N ARG B 565 -14.56 -34.47 -12.35
CA ARG B 565 -15.13 -35.25 -11.24
C ARG B 565 -15.91 -34.35 -10.30
N THR B 566 -16.26 -33.14 -10.72
CA THR B 566 -17.19 -32.30 -9.96
C THR B 566 -18.62 -32.71 -10.30
N VAL B 567 -19.53 -32.55 -9.34
CA VAL B 567 -20.94 -32.82 -9.62
C VAL B 567 -21.51 -31.73 -10.52
N PRO B 568 -22.15 -32.07 -11.64
CA PRO B 568 -22.69 -31.04 -12.53
C PRO B 568 -23.70 -30.13 -11.84
N PHE B 569 -23.50 -28.83 -12.01
CA PHE B 569 -24.43 -27.79 -11.60
C PHE B 569 -24.69 -27.79 -10.11
N ALA B 570 -23.74 -28.30 -9.31
CA ALA B 570 -23.86 -28.18 -7.86
C ALA B 570 -23.36 -26.81 -7.38
N ALA B 571 -22.47 -26.16 -8.11
CA ALA B 571 -21.90 -24.91 -7.65
C ALA B 571 -22.88 -23.75 -7.82
N ALA B 572 -22.58 -22.64 -7.14
CA ALA B 572 -23.33 -21.42 -7.38
C ALA B 572 -23.04 -20.88 -8.78
N TYR B 573 -24.04 -20.22 -9.34
CA TYR B 573 -23.93 -19.55 -10.63
C TYR B 573 -24.40 -18.11 -10.47
N GLY B 574 -23.72 -17.17 -11.11
CA GLY B 574 -24.27 -15.84 -11.26
C GLY B 574 -23.94 -15.25 -12.62
N LEU B 575 -24.90 -14.55 -13.23
CA LEU B 575 -24.62 -13.78 -14.43
C LEU B 575 -23.61 -12.67 -14.17
N THR B 576 -23.65 -12.05 -12.97
CA THR B 576 -22.79 -10.92 -12.61
C THR B 576 -22.28 -11.14 -11.19
N GLY B 577 -21.22 -10.41 -10.82
CA GLY B 577 -20.73 -10.47 -9.45
C GLY B 577 -19.68 -11.55 -9.24
N THR B 578 -19.26 -11.74 -7.99
CA THR B 578 -18.18 -12.67 -7.69
CA THR B 578 -18.19 -12.69 -7.72
C THR B 578 -18.60 -13.79 -6.75
N LYS B 579 -19.88 -14.13 -6.71
CA LYS B 579 -20.34 -15.20 -5.83
C LYS B 579 -20.94 -16.38 -6.62
N GLY B 580 -20.44 -16.62 -7.83
CA GLY B 580 -20.90 -17.80 -8.57
C GLY B 580 -19.78 -18.82 -8.71
N VAL B 581 -19.30 -19.00 -9.94
CA VAL B 581 -18.26 -19.98 -10.19
C VAL B 581 -16.95 -19.63 -9.48
N GLU B 582 -16.78 -18.37 -9.08
CA GLU B 582 -15.57 -18.01 -8.35
C GLU B 582 -15.50 -18.65 -6.98
N SER B 583 -16.65 -18.98 -6.42
CA SER B 583 -16.75 -19.51 -5.07
C SER B 583 -16.75 -21.03 -5.09
N TYR B 584 -16.02 -21.62 -4.16
CA TYR B 584 -16.06 -23.07 -3.97
C TYR B 584 -17.13 -23.49 -2.98
N LYS B 585 -17.88 -22.55 -2.44
CA LYS B 585 -19.11 -22.91 -1.75
C LYS B 585 -20.04 -23.64 -2.72
N TYR B 586 -20.86 -24.56 -2.18
CA TYR B 586 -21.90 -25.29 -2.91
C TYR B 586 -21.34 -26.39 -3.79
N LEU B 587 -20.13 -26.19 -4.34
CA LEU B 587 -19.49 -27.15 -5.23
C LEU B 587 -19.31 -28.50 -4.54
N LYS B 588 -19.47 -29.57 -5.31
CA LYS B 588 -19.31 -30.92 -4.78
C LYS B 588 -18.39 -31.71 -5.69
N VAL B 589 -17.63 -32.61 -5.09
CA VAL B 589 -16.78 -33.52 -5.84
CA VAL B 589 -16.73 -33.52 -5.79
C VAL B 589 -17.31 -34.93 -5.68
N GLN B 590 -17.05 -35.75 -6.68
CA GLN B 590 -17.53 -37.14 -6.62
C GLN B 590 -16.44 -38.06 -7.13
N ASP B 591 -16.59 -39.36 -6.87
CA ASP B 591 -15.55 -40.28 -7.32
C ASP B 591 -15.61 -40.57 -8.81
N LYS B 592 -16.80 -40.59 -9.41
CA LYS B 592 -16.95 -41.01 -10.79
C LYS B 592 -16.59 -39.88 -11.75
N ILE B 593 -15.91 -40.24 -12.83
CA ILE B 593 -15.69 -39.28 -13.91
C ILE B 593 -17.02 -39.07 -14.65
N VAL B 594 -17.45 -37.80 -14.73
CA VAL B 594 -18.74 -37.49 -15.34
C VAL B 594 -18.69 -37.83 -16.83
N THR B 595 -19.78 -38.40 -17.36
CA THR B 595 -19.83 -38.66 -18.79
C THR B 595 -20.44 -37.49 -19.54
N THR B 596 -20.12 -37.43 -20.84
CA THR B 596 -20.70 -36.40 -21.71
C THR B 596 -22.22 -36.45 -21.67
N ASP B 597 -22.79 -37.66 -21.73
CA ASP B 597 -24.25 -37.80 -21.69
C ASP B 597 -24.82 -37.35 -20.34
N GLU B 598 -24.17 -37.72 -19.24
CA GLU B 598 -24.65 -37.33 -17.92
C GLU B 598 -24.67 -35.80 -17.78
N TYR B 599 -23.60 -35.16 -18.25
CA TYR B 599 -23.54 -33.71 -18.17
C TYR B 599 -24.63 -33.06 -19.02
N ALA B 600 -24.89 -33.61 -20.20
CA ALA B 600 -25.88 -32.99 -21.08
C ALA B 600 -27.27 -33.11 -20.47
N LYS B 601 -27.57 -34.25 -19.85
CA LYS B 601 -28.83 -34.38 -19.14
C LYS B 601 -28.91 -33.36 -18.03
N ALA B 602 -27.82 -33.20 -17.27
CA ALA B 602 -27.83 -32.26 -16.17
C ALA B 602 -27.98 -30.83 -16.66
N ARG B 603 -27.36 -30.50 -17.79
CA ARG B 603 -27.42 -29.16 -18.35
C ARG B 603 -28.83 -28.82 -18.81
N GLU B 604 -29.48 -29.73 -19.53
CA GLU B 604 -30.85 -29.47 -19.95
C GLU B 604 -31.76 -29.26 -18.75
N LYS B 605 -31.59 -30.08 -17.70
CA LYS B 605 -32.36 -29.90 -16.49
C LYS B 605 -32.05 -28.56 -15.81
N TRP B 606 -30.77 -28.17 -15.78
CA TRP B 606 -30.42 -26.94 -15.09
C TRP B 606 -30.93 -25.71 -15.83
N LEU B 607 -30.83 -25.72 -17.16
CA LEU B 607 -31.35 -24.61 -17.95
C LEU B 607 -32.83 -24.40 -17.70
N LYS B 608 -33.60 -25.49 -17.64
CA LYS B 608 -35.04 -25.35 -17.42
C LYS B 608 -35.32 -24.89 -16.00
N GLU B 609 -34.66 -25.51 -15.02
CA GLU B 609 -34.89 -25.14 -13.62
C GLU B 609 -34.50 -23.69 -13.35
N LYS B 610 -33.46 -23.21 -14.01
CA LYS B 610 -33.04 -21.83 -13.87
C LYS B 610 -34.15 -20.88 -14.30
N GLU B 611 -34.80 -21.17 -15.43
CA GLU B 611 -35.89 -20.31 -15.88
C GLU B 611 -37.04 -20.34 -14.89
N GLU B 612 -37.40 -21.54 -14.40
CA GLU B 612 -38.49 -21.62 -13.43
C GLU B 612 -38.14 -20.92 -12.12
N SER B 613 -36.92 -21.12 -11.63
CA SER B 613 -36.50 -20.51 -10.38
CA SER B 613 -36.51 -20.51 -10.37
C SER B 613 -36.39 -19.00 -10.49
N ASN B 614 -35.86 -18.50 -11.62
CA ASN B 614 -35.75 -17.06 -11.81
C ASN B 614 -37.12 -16.39 -11.82
N LYS B 615 -38.12 -17.07 -12.39
CA LYS B 615 -39.49 -16.56 -12.37
C LYS B 615 -40.02 -16.45 -10.94
N LYS B 616 -39.86 -17.51 -10.13
CA LYS B 616 -40.31 -17.43 -8.74
C LYS B 616 -39.54 -16.37 -7.97
N ALA B 617 -38.24 -16.22 -8.27
CA ALA B 617 -37.46 -15.21 -7.56
C ALA B 617 -38.00 -13.81 -7.82
N GLN B 618 -38.38 -13.52 -9.06
CA GLN B 618 -38.89 -12.18 -9.36
C GLN B 618 -40.25 -11.95 -8.70
N GLU B 619 -41.02 -13.03 -8.48
CA GLU B 619 -42.27 -12.86 -7.75
C GLU B 619 -42.01 -12.67 -6.25
N GLU B 620 -40.98 -13.33 -5.72
CA GLU B 620 -40.59 -13.06 -4.33
C GLU B 620 -40.18 -11.61 -4.12
N LEU B 621 -39.77 -10.91 -5.18
CA LEU B 621 -39.21 -9.56 -5.04
C LEU B 621 -40.22 -8.59 -4.47
N ALA B 622 -41.50 -8.75 -4.84
CA ALA B 622 -42.50 -7.79 -4.40
C ALA B 622 -42.62 -7.78 -2.88
N LYS B 623 -42.42 -8.93 -2.25
CA LYS B 623 -42.51 -9.04 -0.79
C LYS B 623 -41.60 -8.05 -0.06
N HIS B 624 -40.53 -7.59 -0.69
CA HIS B 624 -39.52 -6.79 -0.01
C HIS B 624 -39.75 -5.28 -0.14
N VAL B 625 -40.80 -4.85 -0.82
CA VAL B 625 -41.07 -3.41 -0.93
C VAL B 625 -41.79 -2.95 0.35
N LYS B 626 -41.19 -1.97 1.03
CA LYS B 626 -41.73 -1.42 2.28
C LYS B 626 -43.12 -0.83 2.11
N PRO C 1 13.52 12.63 19.32
CA PRO C 1 14.90 13.08 19.29
C PRO C 1 15.54 12.83 17.95
N ILE C 2 16.76 13.30 17.80
CA ILE C 2 17.53 13.06 16.58
C ILE C 2 18.04 11.64 16.60
N VAL C 3 17.80 10.89 15.53
CA VAL C 3 18.28 9.52 15.45
C VAL C 3 19.36 9.45 14.39
N GLY C 4 20.42 8.73 14.70
CA GLY C 4 21.54 8.60 13.79
C GLY C 4 21.96 7.15 13.69
N GLY C 5 23.21 6.86 14.03
CA GLY C 5 23.72 5.51 13.95
C GLY C 5 24.50 5.28 12.68
N HIS C 6 24.31 4.12 12.04
CA HIS C 6 24.93 3.87 10.76
C HIS C 6 24.10 4.51 9.65
N GLU C 7 24.17 3.97 8.43
CA GLU C 7 23.45 4.56 7.31
C GLU C 7 21.99 4.11 7.30
N GLY C 8 21.08 5.06 7.11
CA GLY C 8 19.66 4.76 7.17
C GLY C 8 19.24 4.31 8.55
N ALA C 9 18.33 3.34 8.59
CA ALA C 9 17.93 2.68 9.83
C ALA C 9 18.81 1.46 10.10
N GLY C 10 20.12 1.68 10.09
CA GLY C 10 21.06 0.60 10.32
C GLY C 10 21.21 0.26 11.77
N VAL C 11 21.76 -0.94 12.01
CA VAL C 11 21.93 -1.48 13.35
C VAL C 11 22.69 -0.50 14.25
N PRO D 1 -15.24 -7.05 -12.79
CA PRO D 1 -13.87 -6.60 -12.62
C PRO D 1 -13.06 -6.76 -13.89
N ILE D 2 -11.82 -6.25 -13.86
CA ILE D 2 -10.88 -6.48 -14.94
C ILE D 2 -10.37 -7.92 -14.87
N VAL D 3 -10.46 -8.64 -15.99
CA VAL D 3 -10.01 -10.03 -16.02
C VAL D 3 -8.79 -10.13 -16.91
N GLY D 4 -7.95 -11.09 -16.59
CA GLY D 4 -6.81 -11.43 -17.41
C GLY D 4 -6.68 -12.94 -17.50
N GLY D 5 -5.68 -13.47 -16.84
CA GLY D 5 -5.28 -14.86 -17.02
C GLY D 5 -4.02 -14.93 -17.88
N HIS D 6 -4.03 -15.83 -18.85
CA HIS D 6 -2.96 -15.83 -19.84
C HIS D 6 -3.45 -15.05 -21.07
N GLU D 7 -3.18 -15.54 -22.27
CA GLU D 7 -3.61 -14.83 -23.47
C GLU D 7 -5.08 -15.12 -23.74
N GLY D 8 -5.91 -14.07 -23.70
CA GLY D 8 -7.33 -14.26 -23.92
C GLY D 8 -7.98 -14.92 -22.73
N ALA D 9 -8.89 -15.86 -23.03
CA ALA D 9 -9.60 -16.63 -22.00
C ALA D 9 -8.86 -17.91 -21.66
N GLY D 10 -7.58 -17.78 -21.35
CA GLY D 10 -6.76 -18.92 -21.03
C GLY D 10 -6.97 -19.41 -19.61
N VAL D 11 -6.35 -20.54 -19.32
CA VAL D 11 -6.40 -21.15 -17.98
C VAL D 11 -5.28 -20.52 -17.15
#